data_9EYK
#
_entry.id   9EYK
#
_cell.length_a   1.00
_cell.length_b   1.00
_cell.length_c   1.00
_cell.angle_alpha   90.00
_cell.angle_beta   90.00
_cell.angle_gamma   90.00
#
_symmetry.space_group_name_H-M   'P 1'
#
loop_
_entity.id
_entity.type
_entity.pdbx_description
1 polymer 'SMODS-associated and fused to various effectors domain-containing protein'
2 polymer "A4>p (5'-R(*AP*AP*AP*(A23))-3')"
#
loop_
_entity_poly.entity_id
_entity_poly.type
_entity_poly.pdbx_seq_one_letter_code
_entity_poly.pdbx_strand_id
1 'polypeptide(L)'
;MGGSHHHHHHGMASWSHPQFEKGGHHHHHHGGSGENLYFQGGSGPKFNETADKYLKSGSAEAELIILQYIQQDRVSEDDE
EWVYNLLEKANNPYIKLNALLWLSAKRKYLTQLSKLWGISENELKSLSQQQPKIGLFPAVDSRKNAFLAKVFVYKLKSEE
PIALAILGDKIENFSYLAQLGKQNCLIGFNKNIQGNSWQLAVLATLLVKDEKIISKIAYSGIVLPSGEIITAEEIEYKKR
CCQNLVHRIKKIEQLDAWLNTETIPLPVIQYQGEENELKRWQKAMEQKVQEKFSWFSYELLEDFYGITNSDLAIFGNGIL
PFEANAWQKLLQEQVKDKFKLLEDKVMPKKVLWFYAGQISTLQLGIGALFGFKRAVSILQMEFSNTTYHEVFILYGKENA
RQLKNVSVKKEDYQYIQSELLINEPHKNELGFIIYLGSHNPIGEAKAYCQKQLQINNFLIIQARENQGVMETSQNWLPYL
QEINSALNTARQEYHWERIHLFQTAPTALCMALGIAVGHFLPVDVYHYQFNAEEPKYRCVFSLDKMLNL
;
A,B,C
2 'polyribonucleotide' AAA(A23) D,E
#
# COMPACT_ATOMS: atom_id res chain seq x y z
N LYS A 133 -23.27 -16.58 31.09
CA LYS A 133 -22.13 -16.43 30.19
C LYS A 133 -21.23 -17.67 30.28
N ILE A 134 -20.52 -17.98 29.20
CA ILE A 134 -19.72 -19.20 29.10
C ILE A 134 -18.33 -18.85 28.62
N GLY A 135 -17.32 -19.44 29.25
CA GLY A 135 -15.95 -19.27 28.81
C GLY A 135 -15.23 -20.60 28.76
N LEU A 136 -14.40 -20.77 27.74
CA LEU A 136 -13.73 -22.04 27.46
C LEU A 136 -12.25 -21.91 27.78
N PHE A 137 -11.71 -22.88 28.52
CA PHE A 137 -10.30 -22.93 28.83
C PHE A 137 -9.83 -24.38 28.79
N PRO A 138 -8.56 -24.62 28.41
CA PRO A 138 -8.03 -25.98 28.35
C PRO A 138 -7.57 -26.50 29.71
N LYS A 150 -13.99 -25.73 30.69
CA LYS A 150 -14.71 -24.48 30.46
C LYS A 150 -15.15 -23.85 31.78
N VAL A 151 -15.50 -22.57 31.75
CA VAL A 151 -15.92 -21.84 32.94
C VAL A 151 -17.26 -21.16 32.65
N PHE A 152 -17.99 -20.87 33.72
CA PHE A 152 -19.26 -20.17 33.65
C PHE A 152 -19.22 -18.98 34.59
N VAL A 153 -19.67 -17.83 34.11
CA VAL A 153 -19.61 -16.58 34.85
C VAL A 153 -21.02 -16.02 34.97
N TYR A 154 -21.41 -15.68 36.21
CA TYR A 154 -22.72 -15.12 36.50
C TYR A 154 -22.58 -13.70 37.01
N LYS A 155 -23.65 -12.92 36.89
CA LYS A 155 -23.64 -11.54 37.34
C LYS A 155 -23.61 -11.44 38.86
N PRO A 161 -16.87 -6.70 46.51
CA PRO A 161 -16.30 -7.42 45.37
C PRO A 161 -15.95 -8.87 45.71
N ILE A 162 -16.86 -9.79 45.46
CA ILE A 162 -16.69 -11.19 45.79
C ILE A 162 -16.80 -11.98 44.49
N ALA A 163 -15.67 -12.37 43.92
CA ALA A 163 -15.65 -13.24 42.74
C ALA A 163 -15.42 -14.68 43.19
N LEU A 164 -16.41 -15.20 43.91
CA LEU A 164 -16.32 -16.54 44.48
C LEU A 164 -16.35 -17.59 43.38
N ALA A 165 -15.28 -18.36 43.28
CA ALA A 165 -15.17 -19.43 42.29
C ALA A 165 -15.31 -20.77 43.01
N ILE A 166 -16.26 -21.58 42.54
CA ILE A 166 -16.51 -22.88 43.16
C ILE A 166 -15.57 -23.91 42.58
N LEU A 167 -15.25 -24.92 43.38
CA LEU A 167 -14.35 -25.99 42.96
C LEU A 167 -14.60 -27.21 43.83
N GLY A 168 -14.21 -28.38 43.30
CA GLY A 168 -14.39 -29.61 44.04
C GLY A 168 -13.49 -29.68 45.28
N ASP A 169 -12.27 -29.15 45.18
CA ASP A 169 -11.34 -29.22 46.29
C ASP A 169 -11.73 -28.23 47.40
N LYS A 170 -11.72 -26.93 47.08
CA LYS A 170 -12.06 -25.91 48.06
C LYS A 170 -12.47 -24.65 47.33
N ILE A 171 -13.66 -24.12 47.67
CA ILE A 171 -14.11 -22.88 47.07
C ILE A 171 -13.31 -21.71 47.64
N GLU A 172 -12.85 -20.84 46.77
CA GLU A 172 -12.02 -19.71 47.16
C GLU A 172 -12.64 -18.42 46.62
N ASN A 173 -12.32 -17.31 47.29
CA ASN A 173 -12.84 -16.00 46.93
C ASN A 173 -11.70 -15.17 46.36
N PHE A 174 -11.61 -15.14 45.03
CA PHE A 174 -10.61 -14.33 44.33
C PHE A 174 -11.19 -12.94 44.14
N SER A 175 -11.19 -12.16 45.22
CA SER A 175 -11.79 -10.83 45.19
C SER A 175 -11.10 -9.91 44.19
N TYR A 176 -9.80 -10.14 43.94
CA TYR A 176 -9.09 -9.34 42.96
C TYR A 176 -9.58 -9.57 41.54
N LEU A 177 -10.21 -10.71 41.26
CA LEU A 177 -10.82 -10.90 39.94
C LEU A 177 -11.97 -9.91 39.75
N ALA A 178 -12.86 -9.84 40.74
CA ALA A 178 -13.95 -8.88 40.71
C ALA A 178 -13.43 -7.45 40.66
N GLN A 179 -12.34 -7.18 41.39
CA GLN A 179 -11.76 -5.85 41.36
C GLN A 179 -11.21 -5.50 39.97
N LEU A 180 -10.51 -6.45 39.35
CA LEU A 180 -9.95 -6.22 38.02
C LEU A 180 -11.05 -5.99 36.99
N GLY A 181 -12.15 -6.74 37.09
CA GLY A 181 -13.16 -6.61 36.06
C GLY A 181 -14.39 -5.80 36.39
N LYS A 182 -14.49 -5.23 37.59
CA LYS A 182 -15.62 -4.40 38.02
C LYS A 182 -16.97 -5.13 37.91
N GLN A 183 -17.01 -6.40 38.30
CA GLN A 183 -18.29 -7.10 38.45
C GLN A 183 -18.10 -8.31 39.36
N ASN A 184 -19.01 -8.46 40.33
CA ASN A 184 -18.98 -9.60 41.22
C ASN A 184 -19.61 -10.81 40.52
N CYS A 185 -18.94 -11.96 40.62
CA CYS A 185 -19.40 -13.16 39.93
C CYS A 185 -19.30 -14.39 40.83
N LEU A 186 -20.10 -15.39 40.48
CA LEU A 186 -20.07 -16.71 41.10
C LEU A 186 -19.66 -17.69 40.01
N ILE A 187 -18.38 -18.03 39.97
CA ILE A 187 -17.84 -18.83 38.87
C ILE A 187 -18.27 -20.28 39.03
N GLY A 188 -18.84 -20.85 37.96
CA GLY A 188 -19.24 -22.24 37.97
C GLY A 188 -18.16 -23.15 37.41
N PHE A 189 -18.45 -24.44 37.45
CA PHE A 189 -17.54 -25.45 36.94
C PHE A 189 -18.32 -26.70 36.59
N ASN A 190 -17.74 -27.53 35.74
CA ASN A 190 -18.33 -28.80 35.35
C ASN A 190 -17.45 -30.00 35.69
N LYS A 191 -16.13 -29.82 35.73
CA LYS A 191 -15.21 -30.88 36.11
C LYS A 191 -14.06 -30.29 36.90
N ASN A 192 -13.42 -31.12 37.72
CA ASN A 192 -12.30 -30.67 38.53
C ASN A 192 -11.05 -30.57 37.66
N ILE A 193 -10.43 -29.39 37.65
CA ILE A 193 -9.21 -29.13 36.89
C ILE A 193 -8.16 -28.62 37.84
N GLN A 194 -7.02 -29.31 37.88
CA GLN A 194 -5.92 -28.91 38.74
C GLN A 194 -5.21 -27.69 38.17
N GLY A 195 -4.62 -26.90 39.07
CA GLY A 195 -3.95 -25.68 38.66
C GLY A 195 -4.92 -24.54 38.46
N ASN A 196 -4.56 -23.35 38.93
CA ASN A 196 -5.45 -22.19 38.84
C ASN A 196 -5.34 -21.52 37.47
N SER A 197 -5.46 -22.30 36.40
CA SER A 197 -5.34 -21.77 35.05
C SER A 197 -6.67 -21.39 34.43
N TRP A 198 -7.79 -21.58 35.13
CA TRP A 198 -9.08 -21.20 34.60
C TRP A 198 -9.39 -19.72 34.79
N GLN A 199 -8.45 -18.95 35.34
CA GLN A 199 -8.71 -17.55 35.65
C GLN A 199 -8.97 -16.73 34.40
N LEU A 200 -8.22 -16.97 33.33
CA LEU A 200 -8.23 -16.05 32.20
C LEU A 200 -9.56 -16.09 31.45
N ALA A 201 -10.13 -17.27 31.24
CA ALA A 201 -11.43 -17.36 30.59
C ALA A 201 -12.50 -16.66 31.42
N VAL A 202 -12.44 -16.84 32.74
CA VAL A 202 -13.35 -16.16 33.66
C VAL A 202 -13.23 -14.65 33.47
N LEU A 203 -12.01 -14.13 33.48
CA LEU A 203 -11.79 -12.69 33.41
C LEU A 203 -12.13 -12.14 32.04
N ALA A 204 -12.01 -12.96 30.98
CA ALA A 204 -12.31 -12.50 29.63
C ALA A 204 -13.81 -12.43 29.38
N THR A 205 -14.56 -13.44 29.80
CA THR A 205 -16.01 -13.32 29.73
C THR A 205 -16.52 -12.22 30.65
N LEU A 206 -15.81 -12.03 31.76
CA LEU A 206 -16.16 -10.96 32.67
C LEU A 206 -15.99 -9.59 32.02
N LEU A 207 -14.87 -9.38 31.32
CA LEU A 207 -14.63 -8.06 30.75
C LEU A 207 -15.45 -7.86 29.49
N ILE A 217 -13.77 -19.34 20.95
CA ILE A 217 -12.49 -18.85 21.47
C ILE A 217 -12.22 -19.47 22.84
N ALA A 218 -10.94 -19.72 23.11
CA ALA A 218 -10.50 -20.30 24.38
C ALA A 218 -9.33 -19.50 24.92
N TYR A 219 -9.21 -19.48 26.25
CA TYR A 219 -8.18 -18.71 26.92
C TYR A 219 -7.46 -19.58 27.95
N SER A 220 -6.18 -19.27 28.18
CA SER A 220 -5.40 -19.99 29.17
C SER A 220 -4.43 -19.02 29.83
N GLY A 221 -4.34 -19.08 31.15
CA GLY A 221 -3.43 -18.23 31.89
C GLY A 221 -3.84 -18.12 33.34
N ILE A 222 -2.98 -17.45 34.11
CA ILE A 222 -3.19 -17.21 35.53
C ILE A 222 -3.10 -15.72 35.78
N VAL A 223 -4.12 -15.16 36.42
CA VAL A 223 -4.17 -13.72 36.66
C VAL A 223 -3.30 -13.40 37.86
N LEU A 224 -3.02 -12.12 38.05
CA LEU A 224 -2.33 -11.62 39.22
C LEU A 224 -3.06 -10.41 39.76
N PRO A 225 -2.91 -10.10 41.04
CA PRO A 225 -3.54 -8.89 41.60
C PRO A 225 -3.12 -7.61 40.90
N SER A 226 -1.89 -7.55 40.39
CA SER A 226 -1.45 -6.38 39.65
C SER A 226 -2.13 -6.23 38.29
N GLY A 227 -2.82 -7.26 37.82
CA GLY A 227 -3.39 -7.24 36.49
C GLY A 227 -2.51 -7.86 35.43
N GLU A 228 -1.25 -8.14 35.74
CA GLU A 228 -0.39 -8.87 34.82
C GLU A 228 -0.82 -10.33 34.77
N ILE A 229 -0.82 -10.90 33.56
CA ILE A 229 -1.23 -12.29 33.33
C ILE A 229 0.03 -13.12 33.07
N ILE A 230 0.15 -14.24 33.79
CA ILE A 230 1.27 -15.16 33.59
C ILE A 230 0.71 -16.56 33.40
N THR A 231 1.48 -17.39 32.69
CA THR A 231 1.09 -18.78 32.44
C THR A 231 1.85 -19.73 33.37
N LEU A 245 -6.97 -20.62 20.70
CA LEU A 245 -6.52 -20.58 22.10
C LEU A 245 -5.66 -19.34 22.33
N VAL A 246 -6.00 -18.57 23.37
CA VAL A 246 -5.27 -17.37 23.73
C VAL A 246 -4.52 -17.65 25.04
N HIS A 247 -3.20 -17.66 24.95
CA HIS A 247 -2.36 -17.81 26.13
C HIS A 247 -1.11 -16.93 26.10
N ARG A 248 -0.96 -16.08 25.08
CA ARG A 248 0.24 -15.27 24.93
C ARG A 248 0.06 -13.83 25.41
N ILE A 249 -1.06 -13.52 26.05
CA ILE A 249 -1.28 -12.18 26.56
C ILE A 249 -0.54 -12.00 27.88
N LYS A 250 -0.20 -10.76 28.20
CA LYS A 250 0.43 -10.44 29.47
C LYS A 250 -0.36 -9.43 30.29
N LYS A 251 -0.85 -8.36 29.68
CA LYS A 251 -1.42 -7.24 30.40
C LYS A 251 -2.94 -7.25 30.31
N ILE A 252 -3.57 -6.58 31.27
CA ILE A 252 -5.02 -6.48 31.30
C ILE A 252 -5.55 -5.55 30.20
N GLU A 253 -4.83 -4.47 29.91
CA GLU A 253 -5.30 -3.52 28.90
C GLU A 253 -5.29 -4.13 27.51
N GLN A 254 -4.30 -5.00 27.23
CA GLN A 254 -4.26 -5.70 25.97
C GLN A 254 -5.52 -6.51 25.75
N LEU A 255 -5.90 -7.32 26.74
CA LEU A 255 -7.11 -8.12 26.65
C LEU A 255 -8.35 -7.23 26.54
N ASP A 256 -8.39 -6.17 27.34
CA ASP A 256 -9.55 -5.27 27.34
C ASP A 256 -9.81 -4.70 25.95
N ALA A 257 -8.78 -4.13 25.33
CA ALA A 257 -8.94 -3.56 24.01
C ALA A 257 -8.90 -4.61 22.91
N TRP A 258 -8.61 -5.87 23.22
CA TRP A 258 -8.73 -6.95 22.26
C TRP A 258 -10.14 -7.51 22.16
N LEU A 259 -10.90 -7.54 23.26
CA LEU A 259 -12.31 -7.92 23.11
C LEU A 259 -13.26 -6.75 22.92
N ASN A 260 -12.97 -5.56 23.43
CA ASN A 260 -13.96 -4.49 23.41
C ASN A 260 -13.69 -3.37 22.42
N THR A 261 -12.77 -3.55 21.47
CA THR A 261 -12.59 -2.54 20.46
C THR A 261 -13.64 -2.68 19.36
N GLU A 262 -13.68 -1.69 18.47
CA GLU A 262 -14.61 -1.70 17.35
C GLU A 262 -13.94 -2.10 16.04
N THR A 263 -12.71 -1.67 15.81
CA THR A 263 -11.96 -2.00 14.61
C THR A 263 -10.75 -2.85 14.97
N ILE A 264 -10.60 -3.98 14.29
CA ILE A 264 -9.46 -4.86 14.47
C ILE A 264 -8.40 -4.47 13.45
N PRO A 265 -7.23 -4.01 13.86
CA PRO A 265 -6.14 -3.81 12.90
C PRO A 265 -5.72 -5.13 12.27
N LEU A 266 -5.50 -5.10 10.95
CA LEU A 266 -5.09 -6.27 10.19
C LEU A 266 -3.85 -5.91 9.40
N PRO A 267 -2.66 -6.05 10.00
CA PRO A 267 -1.44 -5.64 9.31
C PRO A 267 -1.06 -6.60 8.19
N VAL A 268 -1.26 -6.16 6.94
CA VAL A 268 -0.99 -6.97 5.76
C VAL A 268 0.28 -6.43 5.10
N ILE A 269 1.24 -7.31 4.85
CA ILE A 269 2.48 -6.95 4.17
C ILE A 269 2.65 -7.86 2.96
N GLN A 270 2.96 -7.27 1.82
CA GLN A 270 3.27 -8.02 0.61
C GLN A 270 4.78 -8.11 0.49
N TYR A 271 5.30 -9.34 0.33
CA TYR A 271 6.73 -9.56 0.30
C TYR A 271 7.07 -10.70 -0.65
N GLN A 272 8.24 -10.61 -1.26
CA GLN A 272 8.79 -11.68 -2.09
C GLN A 272 10.26 -11.83 -1.76
N GLY A 273 10.63 -12.95 -1.16
CA GLY A 273 12.00 -13.19 -0.75
C GLY A 273 12.14 -14.41 0.15
N GLU A 274 12.83 -14.25 1.28
CA GLU A 274 12.99 -15.32 2.24
C GLU A 274 12.19 -15.02 3.50
N GLU A 275 11.90 -16.08 4.27
CA GLU A 275 10.98 -15.96 5.40
C GLU A 275 11.55 -15.17 6.57
N ASN A 276 12.88 -15.07 6.68
CA ASN A 276 13.47 -14.32 7.77
C ASN A 276 13.18 -12.83 7.66
N GLU A 277 13.38 -12.28 6.45
CA GLU A 277 12.99 -10.89 6.22
C GLU A 277 11.49 -10.70 6.32
N LEU A 278 10.70 -11.73 6.00
CA LEU A 278 9.26 -11.63 6.21
C LEU A 278 8.93 -11.49 7.69
N LYS A 279 9.61 -12.27 8.54
CA LYS A 279 9.40 -12.14 9.98
C LYS A 279 9.81 -10.76 10.47
N ARG A 280 10.95 -10.25 9.98
CA ARG A 280 11.40 -8.91 10.36
C ARG A 280 10.41 -7.84 9.93
N TRP A 281 9.92 -7.93 8.70
CA TRP A 281 8.98 -6.95 8.18
C TRP A 281 7.69 -6.97 8.99
N GLN A 282 7.21 -8.17 9.32
CA GLN A 282 6.01 -8.27 10.13
C GLN A 282 6.23 -7.74 11.54
N LYS A 283 7.42 -7.96 12.11
CA LYS A 283 7.71 -7.40 13.43
C LYS A 283 7.68 -5.88 13.39
N ALA A 284 8.27 -5.27 12.36
CA ALA A 284 8.23 -3.82 12.22
C ALA A 284 6.80 -3.32 12.06
N MET A 285 6.00 -4.01 11.25
CA MET A 285 4.62 -3.58 11.03
C MET A 285 3.79 -3.73 12.31
N GLU A 286 4.07 -4.77 13.09
CA GLU A 286 3.44 -4.96 14.39
C GLU A 286 3.80 -3.82 15.34
N GLN A 287 5.06 -3.40 15.34
CA GLN A 287 5.46 -2.26 16.16
C GLN A 287 4.72 -1.00 15.74
N LYS A 288 4.57 -0.78 14.43
CA LYS A 288 3.82 0.38 13.97
C LYS A 288 2.37 0.32 14.42
N VAL A 289 1.74 -0.84 14.33
CA VAL A 289 0.35 -0.97 14.79
C VAL A 289 0.27 -0.73 16.30
N GLN A 290 1.26 -1.22 17.05
CA GLN A 290 1.31 -0.99 18.49
C GLN A 290 1.52 0.47 18.82
N GLU A 291 2.12 1.25 17.93
CA GLU A 291 2.25 2.69 18.15
C GLU A 291 0.88 3.33 18.29
N LYS A 292 -0.10 2.89 17.50
CA LYS A 292 -1.46 3.39 17.59
C LYS A 292 -2.39 2.48 18.38
N PHE A 293 -2.12 1.18 18.42
CA PHE A 293 -2.91 0.21 19.18
C PHE A 293 -1.93 -0.61 20.02
N SER A 294 -1.57 -0.10 21.19
CA SER A 294 -0.57 -0.75 22.03
C SER A 294 -1.01 -2.14 22.48
N TRP A 295 -2.32 -2.40 22.50
CA TRP A 295 -2.84 -3.71 22.83
C TRP A 295 -2.56 -4.77 21.78
N PHE A 296 -2.19 -4.37 20.57
CA PHE A 296 -2.03 -5.32 19.48
C PHE A 296 -0.72 -6.08 19.60
N SER A 297 -0.73 -7.32 19.09
CA SER A 297 0.49 -8.05 18.79
C SER A 297 0.13 -9.23 17.89
N TYR A 298 1.14 -9.73 17.17
CA TYR A 298 0.90 -10.80 16.20
C TYR A 298 0.51 -12.10 16.88
N GLU A 299 1.18 -12.45 17.98
CA GLU A 299 0.80 -13.66 18.70
C GLU A 299 -0.62 -13.55 19.25
N LEU A 300 -0.97 -12.39 19.80
CA LEU A 300 -2.34 -12.18 20.27
C LEU A 300 -3.34 -12.19 19.12
N LEU A 301 -2.95 -11.68 17.94
CA LEU A 301 -3.84 -11.72 16.80
C LEU A 301 -4.11 -13.17 16.37
N GLU A 302 -3.04 -13.96 16.23
CA GLU A 302 -3.20 -15.35 15.84
C GLU A 302 -3.96 -16.16 16.89
N ASP A 303 -3.83 -15.78 18.16
CA ASP A 303 -4.58 -16.45 19.21
C ASP A 303 -6.06 -16.05 19.19
N PHE A 304 -6.34 -14.76 18.99
CA PHE A 304 -7.68 -14.24 19.14
C PHE A 304 -8.56 -14.56 17.95
N TYR A 305 -8.02 -14.48 16.73
CA TYR A 305 -8.85 -14.68 15.55
C TYR A 305 -8.31 -15.71 14.57
N GLY A 306 -7.08 -16.18 14.73
CA GLY A 306 -6.56 -17.26 13.92
C GLY A 306 -5.71 -16.84 12.74
N ILE A 307 -5.65 -15.55 12.41
CA ILE A 307 -4.81 -15.12 11.30
C ILE A 307 -3.35 -15.22 11.73
N THR A 308 -2.61 -16.12 11.10
CA THR A 308 -1.19 -16.26 11.35
C THR A 308 -0.42 -15.18 10.58
N ASN A 309 0.91 -15.22 10.69
CA ASN A 309 1.73 -14.27 9.96
C ASN A 309 1.70 -14.52 8.47
N SER A 310 1.55 -15.78 8.05
CA SER A 310 1.54 -16.10 6.62
C SER A 310 0.28 -15.60 5.94
N ASP A 311 -0.86 -15.64 6.62
CA ASP A 311 -2.12 -15.23 6.00
C ASP A 311 -2.09 -13.73 5.69
N LEU A 312 -1.56 -12.91 6.59
CA LEU A 312 -1.41 -11.50 6.33
C LEU A 312 -0.30 -11.19 5.34
N ALA A 313 0.49 -12.18 4.96
CA ALA A 313 1.63 -11.98 4.08
C ALA A 313 1.25 -12.38 2.65
N ILE A 314 1.40 -11.44 1.73
CA ILE A 314 1.32 -11.77 0.30
C ILE A 314 2.72 -12.21 -0.09
N PHE A 315 3.01 -13.49 0.16
CA PHE A 315 4.37 -14.00 0.18
C PHE A 315 4.58 -15.04 -0.92
N GLY A 316 5.74 -14.96 -1.57
CA GLY A 316 6.20 -15.97 -2.49
C GLY A 316 7.72 -16.04 -2.43
N ASN A 317 8.28 -17.24 -2.49
CA ASN A 317 9.72 -17.39 -2.33
C ASN A 317 10.46 -16.80 -3.52
N GLY A 318 11.49 -16.00 -3.24
CA GLY A 318 12.35 -15.48 -4.27
C GLY A 318 11.70 -14.40 -5.12
N ILE A 319 12.42 -14.04 -6.18
CA ILE A 319 11.95 -13.02 -7.10
C ILE A 319 10.82 -13.57 -7.96
N LEU A 320 9.77 -12.77 -8.13
CA LEU A 320 8.69 -13.14 -9.03
C LEU A 320 9.22 -13.27 -10.45
N PRO A 321 8.92 -14.36 -11.14
CA PRO A 321 9.29 -14.45 -12.57
C PRO A 321 8.57 -13.39 -13.38
N PHE A 322 9.25 -12.88 -14.40
CA PHE A 322 8.67 -11.81 -15.20
C PHE A 322 7.71 -12.35 -16.24
N GLU A 323 6.72 -13.13 -15.80
CA GLU A 323 5.67 -13.64 -16.66
C GLU A 323 4.33 -13.10 -16.16
N ALA A 324 3.55 -12.52 -17.08
CA ALA A 324 2.25 -11.99 -16.70
C ALA A 324 1.33 -13.08 -16.17
N ASN A 325 1.50 -14.31 -16.63
CA ASN A 325 0.75 -15.43 -16.08
C ASN A 325 1.09 -15.64 -14.61
N ALA A 326 2.36 -15.54 -14.26
CA ALA A 326 2.77 -15.68 -12.86
C ALA A 326 2.18 -14.58 -11.99
N TRP A 327 2.19 -13.34 -12.47
CA TRP A 327 1.64 -12.22 -11.72
C TRP A 327 0.13 -12.38 -11.53
N GLN A 328 -0.57 -12.74 -12.60
CA GLN A 328 -2.02 -12.94 -12.50
C GLN A 328 -2.34 -14.10 -11.57
N LYS A 329 -1.52 -15.16 -11.61
CA LYS A 329 -1.72 -16.27 -10.70
C LYS A 329 -1.52 -15.83 -9.25
N LEU A 330 -0.45 -15.07 -8.99
CA LEU A 330 -0.19 -14.62 -7.63
C LEU A 330 -1.32 -13.74 -7.11
N LEU A 331 -1.87 -12.89 -7.97
CA LEU A 331 -3.04 -12.11 -7.59
C LEU A 331 -4.25 -13.02 -7.34
N GLN A 332 -4.37 -14.10 -8.12
CA GLN A 332 -5.54 -14.96 -8.00
C GLN A 332 -5.51 -15.79 -6.72
N GLU A 333 -4.47 -16.59 -6.53
CA GLU A 333 -4.47 -17.52 -5.40
C GLU A 333 -4.39 -16.81 -4.06
N GLN A 334 -3.71 -15.67 -3.98
CA GLN A 334 -3.53 -14.99 -2.71
C GLN A 334 -4.30 -13.67 -2.65
N VAL A 335 -4.05 -12.74 -3.56
CA VAL A 335 -4.52 -11.37 -3.37
C VAL A 335 -6.02 -11.26 -3.59
N LYS A 336 -6.56 -11.95 -4.60
CA LYS A 336 -7.94 -11.73 -5.03
C LYS A 336 -8.94 -12.03 -3.92
N ASP A 337 -8.60 -12.94 -3.02
CA ASP A 337 -9.50 -13.30 -1.93
C ASP A 337 -8.92 -13.04 -0.55
N LYS A 338 -7.72 -12.46 -0.46
CA LYS A 338 -7.08 -12.26 0.84
C LYS A 338 -7.93 -11.37 1.73
N PHE A 339 -8.29 -10.18 1.24
CA PHE A 339 -9.04 -9.23 2.05
C PHE A 339 -10.44 -9.74 2.33
N LYS A 340 -11.07 -10.41 1.37
CA LYS A 340 -12.40 -10.96 1.58
C LYS A 340 -12.39 -12.01 2.69
N LEU A 341 -11.43 -12.94 2.63
CA LEU A 341 -11.36 -13.99 3.65
C LEU A 341 -10.99 -13.42 5.01
N LEU A 342 -10.08 -12.45 5.05
CA LEU A 342 -9.67 -11.88 6.34
C LEU A 342 -10.81 -11.08 6.96
N GLU A 343 -11.56 -10.33 6.15
CA GLU A 343 -12.73 -9.62 6.65
C GLU A 343 -13.81 -10.60 7.09
N ASP A 344 -13.95 -11.73 6.41
CA ASP A 344 -14.89 -12.74 6.85
C ASP A 344 -14.46 -13.36 8.18
N LYS A 345 -13.15 -13.48 8.41
CA LYS A 345 -12.66 -14.04 9.67
C LYS A 345 -13.04 -13.16 10.85
N VAL A 346 -12.73 -11.87 10.78
CA VAL A 346 -13.19 -10.91 11.80
C VAL A 346 -14.49 -10.32 11.26
N MET A 347 -15.57 -11.07 11.47
CA MET A 347 -16.87 -10.72 10.92
C MET A 347 -17.60 -9.62 11.69
N PRO A 348 -17.82 -9.75 13.02
CA PRO A 348 -18.64 -8.72 13.70
C PRO A 348 -17.95 -7.38 13.80
N LYS A 349 -16.62 -7.35 13.86
CA LYS A 349 -15.88 -6.12 14.02
C LYS A 349 -15.41 -5.59 12.66
N LYS A 350 -15.38 -4.28 12.53
CA LYS A 350 -14.81 -3.66 11.35
C LYS A 350 -13.30 -3.87 11.32
N VAL A 351 -12.71 -3.65 10.16
CA VAL A 351 -11.29 -3.89 9.95
C VAL A 351 -10.61 -2.55 9.65
N LEU A 352 -9.56 -2.26 10.42
CA LEU A 352 -8.68 -1.13 10.12
C LEU A 352 -7.45 -1.74 9.46
N TRP A 353 -7.51 -1.86 8.13
CA TRP A 353 -6.44 -2.47 7.36
C TRP A 353 -5.16 -1.65 7.43
N PHE A 354 -4.13 -2.16 8.09
CA PHE A 354 -2.81 -1.54 8.03
C PHE A 354 -2.03 -2.24 6.92
N TYR A 355 -1.74 -1.52 5.84
CA TYR A 355 -1.15 -2.16 4.68
C TYR A 355 0.21 -1.57 4.35
N ALA A 356 1.18 -2.45 4.11
CA ALA A 356 2.43 -2.12 3.43
C ALA A 356 2.70 -3.19 2.40
N GLY A 357 3.49 -2.85 1.38
CA GLY A 357 3.82 -3.78 0.32
C GLY A 357 5.29 -3.67 -0.06
N GLN A 358 5.69 -4.48 -1.03
CA GLN A 358 7.07 -4.47 -1.51
C GLN A 358 7.18 -4.07 -2.97
N ILE A 359 6.48 -4.74 -3.88
CA ILE A 359 6.60 -4.49 -5.30
C ILE A 359 5.55 -3.47 -5.70
N SER A 360 6.01 -2.32 -6.23
CA SER A 360 5.13 -1.15 -6.38
C SER A 360 4.03 -1.40 -7.42
N THR A 361 4.37 -2.04 -8.55
CA THR A 361 3.36 -2.27 -9.57
C THR A 361 2.31 -3.27 -9.10
N LEU A 362 2.71 -4.23 -8.26
CA LEU A 362 1.75 -5.16 -7.68
C LEU A 362 0.71 -4.44 -6.84
N GLN A 363 1.07 -3.29 -6.26
CA GLN A 363 0.17 -2.57 -5.37
C GLN A 363 -1.02 -2.00 -6.11
N LEU A 364 -0.86 -1.66 -7.39
CA LEU A 364 -2.00 -1.18 -8.17
C LEU A 364 -3.07 -2.27 -8.27
N GLY A 365 -2.66 -3.50 -8.55
CA GLY A 365 -3.61 -4.60 -8.55
C GLY A 365 -4.15 -4.91 -7.18
N ILE A 366 -3.29 -4.84 -6.16
CA ILE A 366 -3.72 -5.12 -4.79
C ILE A 366 -4.76 -4.10 -4.34
N GLY A 367 -4.58 -2.84 -4.72
CA GLY A 367 -5.56 -1.82 -4.38
C GLY A 367 -6.82 -1.88 -5.22
N ALA A 368 -6.69 -2.25 -6.49
CA ALA A 368 -7.88 -2.42 -7.33
C ALA A 368 -8.75 -3.55 -6.80
N LEU A 369 -8.14 -4.65 -6.38
CA LEU A 369 -8.90 -5.71 -5.72
C LEU A 369 -9.31 -5.31 -4.30
N PHE A 370 -8.59 -4.38 -3.69
CA PHE A 370 -8.94 -3.87 -2.37
C PHE A 370 -10.17 -2.99 -2.43
N GLY A 371 -10.21 -2.09 -3.41
CA GLY A 371 -11.36 -1.22 -3.62
C GLY A 371 -11.30 0.04 -2.76
N PHE A 372 -12.18 0.97 -3.09
CA PHE A 372 -12.36 2.20 -2.33
C PHE A 372 -13.34 2.04 -1.18
N LYS A 373 -13.84 0.82 -0.96
CA LYS A 373 -14.86 0.55 0.04
C LYS A 373 -14.30 0.00 1.34
N ARG A 374 -12.99 0.13 1.55
CA ARG A 374 -12.33 -0.39 2.75
C ARG A 374 -11.55 0.72 3.42
N ALA A 375 -11.81 0.92 4.72
CA ALA A 375 -11.00 1.86 5.50
C ALA A 375 -9.61 1.30 5.68
N VAL A 376 -8.60 2.13 5.47
CA VAL A 376 -7.23 1.62 5.42
C VAL A 376 -6.27 2.69 5.90
N SER A 377 -5.32 2.27 6.74
CA SER A 377 -4.10 3.01 7.01
C SER A 377 -3.03 2.39 6.12
N ILE A 378 -2.71 3.07 5.03
CA ILE A 378 -1.64 2.63 4.14
C ILE A 378 -0.36 3.27 4.66
N LEU A 379 0.60 2.42 5.02
CA LEU A 379 1.80 2.82 5.74
C LEU A 379 3.00 2.84 4.81
N GLN A 380 3.88 3.80 5.04
CA GLN A 380 5.20 3.84 4.43
C GLN A 380 6.22 3.96 5.56
N MET A 381 7.34 3.27 5.42
CA MET A 381 8.36 3.33 6.45
C MET A 381 9.29 4.51 6.24
N GLU A 382 9.60 5.19 7.34
CA GLU A 382 10.73 6.11 7.39
C GLU A 382 11.95 5.28 7.73
N PHE A 383 12.78 5.01 6.72
CA PHE A 383 13.96 4.18 6.91
C PHE A 383 15.00 4.82 7.81
N SER A 384 14.87 6.12 8.10
CA SER A 384 15.74 6.75 9.08
C SER A 384 15.52 6.17 10.48
N ASN A 385 14.31 5.72 10.77
CA ASN A 385 14.00 5.16 12.07
C ASN A 385 13.47 3.73 11.99
N THR A 386 13.30 3.19 10.78
CA THR A 386 12.74 1.85 10.56
C THR A 386 11.37 1.75 11.24
N THR A 387 10.61 2.84 11.16
CA THR A 387 9.26 2.91 11.70
C THR A 387 8.33 3.33 10.58
N TYR A 388 7.22 2.62 10.44
CA TYR A 388 6.25 2.98 9.42
C TYR A 388 5.55 4.28 9.79
N HIS A 389 4.96 4.92 8.79
CA HIS A 389 4.22 6.15 9.00
C HIS A 389 2.89 6.06 8.28
N GLU A 390 1.83 6.52 8.96
CA GLU A 390 0.47 6.48 8.42
C GLU A 390 0.35 7.57 7.36
N VAL A 391 0.75 7.24 6.13
CA VAL A 391 0.75 8.23 5.07
C VAL A 391 -0.58 8.30 4.33
N PHE A 392 -1.39 7.24 4.34
CA PHE A 392 -2.74 7.32 3.80
C PHE A 392 -3.71 6.91 4.89
N ILE A 393 -4.34 7.90 5.50
CA ILE A 393 -5.31 7.70 6.58
C ILE A 393 -6.69 7.79 5.96
N LEU A 394 -7.36 6.65 5.76
CA LEU A 394 -8.67 6.67 5.12
C LEU A 394 -9.72 6.09 6.05
N TYR A 395 -9.70 6.52 7.31
CA TYR A 395 -10.66 6.05 8.29
C TYR A 395 -10.93 7.16 9.30
N GLY A 396 -12.02 7.01 10.04
CA GLY A 396 -12.39 7.98 11.06
C GLY A 396 -13.29 9.09 10.52
N ALA A 400 -13.03 9.06 3.93
CA ALA A 400 -12.54 8.29 2.79
C ALA A 400 -13.15 8.81 1.50
N ARG A 401 -14.21 9.62 1.63
CA ARG A 401 -14.77 10.27 0.45
C ARG A 401 -13.77 11.23 -0.18
N GLN A 402 -12.96 11.90 0.65
CA GLN A 402 -11.89 12.74 0.12
C GLN A 402 -10.86 11.91 -0.63
N LEU A 403 -10.88 10.59 -0.46
CA LEU A 403 -10.10 9.70 -1.31
C LEU A 403 -10.44 9.91 -2.78
N LYS A 404 -11.73 10.06 -3.09
CA LYS A 404 -12.22 10.15 -4.46
C LYS A 404 -12.65 11.58 -4.82
N ASN A 405 -11.94 12.58 -4.30
CA ASN A 405 -12.25 13.97 -4.62
C ASN A 405 -11.58 14.35 -5.94
N VAL A 406 -12.40 14.70 -6.93
CA VAL A 406 -11.90 15.18 -8.20
C VAL A 406 -12.29 16.65 -8.43
N SER A 407 -12.64 17.35 -7.36
CA SER A 407 -12.99 18.76 -7.45
C SER A 407 -11.78 19.65 -7.70
N VAL A 408 -10.57 19.11 -7.61
CA VAL A 408 -9.37 19.91 -7.79
C VAL A 408 -9.20 20.26 -9.26
N LYS A 409 -9.02 21.54 -9.55
CA LYS A 409 -8.73 21.99 -10.90
C LYS A 409 -7.23 22.08 -11.12
N LYS A 410 -6.82 22.09 -12.39
CA LYS A 410 -5.41 22.13 -12.73
C LYS A 410 -4.76 23.41 -12.21
N GLU A 411 -5.47 24.54 -12.28
CA GLU A 411 -4.97 25.78 -11.70
C GLU A 411 -4.85 25.71 -10.19
N ASP A 412 -5.56 24.78 -9.55
CA ASP A 412 -5.50 24.59 -8.11
C ASP A 412 -4.60 23.41 -7.73
N TYR A 413 -3.52 23.18 -8.48
CA TYR A 413 -2.62 22.07 -8.21
C TYR A 413 -1.49 22.54 -7.30
N GLN A 414 -1.31 21.83 -6.19
CA GLN A 414 -0.29 22.18 -5.21
C GLN A 414 0.73 21.09 -4.96
N TYR A 415 0.45 19.85 -5.34
CA TYR A 415 1.36 18.73 -5.09
C TYR A 415 1.86 18.06 -6.34
N ILE A 416 0.99 17.80 -7.31
CA ILE A 416 1.36 17.08 -8.52
C ILE A 416 1.49 18.06 -9.67
N GLN A 417 2.15 17.60 -10.74
CA GLN A 417 2.38 18.38 -11.95
C GLN A 417 1.97 17.50 -13.12
N SER A 418 0.86 17.86 -13.77
CA SER A 418 0.20 16.99 -14.74
C SER A 418 0.23 17.62 -16.13
N GLU A 419 0.63 16.83 -17.12
CA GLU A 419 0.65 17.22 -18.52
C GLU A 419 -0.19 16.22 -19.32
N LEU A 420 -0.84 16.72 -20.36
CA LEU A 420 -1.66 15.89 -21.24
C LEU A 420 -1.30 16.19 -22.68
N LEU A 421 -0.67 15.23 -23.36
CA LEU A 421 -0.27 15.39 -24.75
C LEU A 421 -1.20 14.58 -25.63
N ILE A 422 -1.74 15.22 -26.67
CA ILE A 422 -2.61 14.56 -27.64
C ILE A 422 -2.01 14.80 -29.01
N ASN A 423 -1.34 13.78 -29.56
CA ASN A 423 -0.78 13.86 -30.90
C ASN A 423 -1.60 13.07 -31.92
N GLU A 424 -2.42 12.12 -31.47
CA GLU A 424 -3.29 11.34 -32.34
C GLU A 424 -4.69 11.36 -31.75
N PRO A 425 -5.44 12.44 -31.99
CA PRO A 425 -6.81 12.52 -31.44
C PRO A 425 -7.74 11.44 -31.95
N HIS A 426 -7.50 10.93 -33.16
CA HIS A 426 -8.36 9.88 -33.71
C HIS A 426 -8.26 8.60 -32.90
N LYS A 427 -7.06 8.23 -32.46
CA LYS A 427 -6.87 7.02 -31.69
C LYS A 427 -7.33 7.22 -30.25
N ASN A 428 -8.18 6.31 -29.77
CA ASN A 428 -8.72 6.39 -28.40
C ASN A 428 -7.84 5.64 -27.42
N GLU A 429 -6.55 5.99 -27.41
CA GLU A 429 -5.52 5.33 -26.61
C GLU A 429 -4.54 6.37 -26.10
N LEU A 430 -4.22 6.30 -24.81
CA LEU A 430 -3.23 7.19 -24.22
C LEU A 430 -2.41 6.41 -23.20
N GLY A 431 -1.19 6.90 -22.94
CA GLY A 431 -0.30 6.30 -21.97
C GLY A 431 -0.28 7.08 -20.68
N PHE A 432 -0.64 6.42 -19.58
CA PHE A 432 -0.66 7.03 -18.26
C PHE A 432 0.66 6.72 -17.56
N ILE A 433 1.45 7.75 -17.31
CA ILE A 433 2.76 7.58 -16.69
C ILE A 433 2.82 8.44 -15.43
N ILE A 434 3.22 7.82 -14.31
CA ILE A 434 3.28 8.48 -13.01
C ILE A 434 4.70 8.42 -12.50
N TYR A 435 5.24 9.57 -12.10
CA TYR A 435 6.61 9.70 -11.61
C TYR A 435 6.56 10.46 -10.29
N LEU A 436 6.36 9.73 -9.19
CA LEU A 436 6.41 10.32 -7.87
C LEU A 436 7.45 9.69 -6.96
N GLY A 437 8.05 8.57 -7.36
CA GLY A 437 9.25 8.08 -6.72
C GLY A 437 10.47 8.83 -7.23
N SER A 438 11.62 8.16 -7.20
CA SER A 438 12.85 8.76 -7.68
C SER A 438 13.27 8.25 -9.05
N HIS A 439 13.23 6.94 -9.28
CA HIS A 439 13.74 6.33 -10.51
C HIS A 439 12.80 6.64 -11.67
N ASN A 440 13.21 7.57 -12.52
CA ASN A 440 12.35 8.12 -13.56
C ASN A 440 11.93 7.07 -14.57
N PRO A 441 10.63 6.80 -14.72
CA PRO A 441 10.15 5.85 -15.74
C PRO A 441 9.65 6.49 -17.03
N ILE A 442 9.74 7.82 -17.16
CA ILE A 442 9.06 8.51 -18.26
C ILE A 442 9.66 8.12 -19.61
N GLY A 443 10.99 8.14 -19.69
CA GLY A 443 11.63 7.81 -20.96
C GLY A 443 11.38 6.37 -21.38
N GLU A 444 11.56 5.44 -20.45
CA GLU A 444 11.37 4.03 -20.78
C GLU A 444 9.91 3.73 -21.14
N ALA A 445 8.97 4.30 -20.39
CA ALA A 445 7.56 4.06 -20.67
C ALA A 445 7.13 4.70 -21.99
N LYS A 446 7.61 5.91 -22.27
CA LYS A 446 7.28 6.56 -23.52
C LYS A 446 7.85 5.79 -24.70
N ALA A 447 9.09 5.31 -24.58
CA ALA A 447 9.67 4.48 -25.63
C ALA A 447 8.88 3.19 -25.81
N TYR A 448 8.44 2.58 -24.71
CA TYR A 448 7.66 1.36 -24.79
C TYR A 448 6.32 1.59 -25.49
N CYS A 449 5.68 2.73 -25.20
CA CYS A 449 4.41 3.03 -25.84
C CYS A 449 4.58 3.34 -27.32
N GLN A 450 5.55 4.18 -27.66
CA GLN A 450 5.76 4.58 -29.04
C GLN A 450 6.42 3.50 -29.89
N LYS A 451 7.00 2.47 -29.28
CA LYS A 451 7.71 1.44 -30.02
C LYS A 451 7.08 0.06 -29.93
N GLN A 452 6.15 -0.17 -29.01
CA GLN A 452 5.56 -1.50 -28.87
C GLN A 452 4.04 -1.45 -28.87
N LEU A 453 3.47 -0.31 -28.47
CA LEU A 453 2.02 -0.16 -28.42
C LEU A 453 1.48 0.84 -29.41
N GLN A 454 2.35 1.63 -30.05
CA GLN A 454 1.96 2.62 -31.07
C GLN A 454 0.95 3.62 -30.51
N ILE A 455 1.37 4.31 -29.45
CA ILE A 455 0.53 5.29 -28.76
C ILE A 455 1.29 6.61 -28.70
N ASN A 456 0.62 7.70 -29.06
CA ASN A 456 1.21 9.03 -28.99
C ASN A 456 0.54 9.92 -27.94
N ASN A 457 -0.68 9.62 -27.53
CA ASN A 457 -1.33 10.37 -26.47
C ASN A 457 -0.81 9.93 -25.11
N PHE A 458 -0.63 10.88 -24.20
CA PHE A 458 -0.03 10.59 -22.91
C PHE A 458 -0.63 11.49 -21.84
N LEU A 459 -0.70 10.95 -20.62
CA LEU A 459 -1.01 11.71 -19.42
C LEU A 459 0.13 11.49 -18.43
N ILE A 460 0.96 12.51 -18.25
CA ILE A 460 2.20 12.38 -17.48
C ILE A 460 2.04 13.15 -16.18
N ILE A 461 2.27 12.47 -15.06
CA ILE A 461 2.17 13.08 -13.74
C ILE A 461 3.51 12.95 -13.04
N GLN A 462 4.06 14.08 -12.61
CA GLN A 462 5.27 14.11 -11.80
C GLN A 462 5.02 14.92 -10.54
N ALA A 463 6.06 15.13 -9.75
CA ALA A 463 5.94 15.98 -8.58
C ALA A 463 6.11 17.43 -8.97
N ARG A 464 5.60 18.32 -8.10
CA ARG A 464 5.67 19.75 -8.37
C ARG A 464 7.01 20.34 -7.92
N GLU A 465 7.38 20.16 -6.66
CA GLU A 465 8.60 20.73 -6.12
C GLU A 465 9.60 19.65 -5.69
N ASN A 466 9.22 18.74 -4.80
CA ASN A 466 10.15 17.77 -4.22
C ASN A 466 9.94 16.41 -4.88
N GLN A 467 10.57 16.23 -6.03
CA GLN A 467 10.52 14.95 -6.72
C GLN A 467 11.43 13.94 -6.04
N GLY A 468 10.92 12.73 -5.85
CA GLY A 468 11.67 11.66 -5.25
C GLY A 468 11.56 11.54 -3.76
N VAL A 469 11.04 12.56 -3.08
CA VAL A 469 10.82 12.53 -1.64
C VAL A 469 9.46 13.16 -1.36
N MET A 470 8.55 12.37 -0.81
CA MET A 470 7.28 12.89 -0.30
C MET A 470 7.26 12.68 1.21
N GLU A 471 6.98 13.75 1.94
CA GLU A 471 7.09 13.76 3.40
C GLU A 471 6.21 12.70 4.04
N THR A 472 6.84 11.68 4.62
CA THR A 472 6.10 10.57 5.21
C THR A 472 5.37 10.96 6.49
N SER A 473 5.72 12.10 7.09
CA SER A 473 4.99 12.58 8.26
C SER A 473 3.63 13.15 7.89
N GLN A 474 3.55 13.89 6.79
CA GLN A 474 2.31 14.52 6.37
C GLN A 474 1.40 13.52 5.66
N ASN A 475 0.13 13.89 5.54
CA ASN A 475 -0.85 13.07 4.84
C ASN A 475 -0.59 13.10 3.34
N TRP A 476 -0.64 11.93 2.70
CA TRP A 476 -0.39 11.81 1.28
C TRP A 476 -1.68 11.84 0.45
N LEU A 477 -2.82 12.03 1.09
CA LEU A 477 -4.09 12.09 0.36
C LEU A 477 -4.14 13.18 -0.73
N PRO A 478 -3.61 14.39 -0.53
CA PRO A 478 -3.65 15.37 -1.63
C PRO A 478 -3.01 14.88 -2.92
N TYR A 479 -1.89 14.14 -2.84
CA TYR A 479 -1.25 13.64 -4.05
C TYR A 479 -2.23 12.85 -4.91
N LEU A 480 -2.89 11.86 -4.29
CA LEU A 480 -3.84 11.04 -5.00
C LEU A 480 -5.07 11.84 -5.43
N GLN A 481 -5.50 12.81 -4.62
CA GLN A 481 -6.63 13.66 -5.01
C GLN A 481 -6.35 14.37 -6.32
N GLU A 482 -5.21 15.04 -6.41
CA GLU A 482 -4.89 15.80 -7.62
C GLU A 482 -4.61 14.87 -8.79
N ILE A 483 -4.03 13.69 -8.53
CA ILE A 483 -3.81 12.73 -9.60
C ILE A 483 -5.12 12.26 -10.20
N ASN A 484 -6.09 11.90 -9.34
CA ASN A 484 -7.38 11.44 -9.83
C ASN A 484 -8.13 12.56 -10.54
N SER A 485 -8.01 13.79 -10.03
CA SER A 485 -8.63 14.93 -10.70
C SER A 485 -8.05 15.13 -12.10
N ALA A 486 -6.73 15.02 -12.23
CA ALA A 486 -6.11 15.13 -13.56
C ALA A 486 -6.56 13.99 -14.47
N LEU A 487 -6.65 12.79 -13.94
CA LEU A 487 -7.05 11.64 -14.74
C LEU A 487 -8.46 11.81 -15.28
N ASN A 488 -9.38 12.30 -14.46
CA ASN A 488 -10.74 12.51 -14.93
C ASN A 488 -10.91 13.79 -15.74
N THR A 489 -9.99 14.75 -15.60
CA THR A 489 -10.01 15.91 -16.48
C THR A 489 -9.50 15.56 -17.87
N ALA A 490 -8.58 14.61 -17.97
CA ALA A 490 -8.16 14.10 -19.28
C ALA A 490 -9.28 13.34 -19.98
N ARG A 491 -10.28 12.87 -19.24
CA ARG A 491 -11.42 12.16 -19.79
C ARG A 491 -12.62 13.08 -20.04
N GLN A 492 -12.42 14.39 -19.94
CA GLN A 492 -13.54 15.32 -20.04
C GLN A 492 -14.08 15.38 -21.46
N GLU A 493 -13.23 15.75 -22.42
CA GLU A 493 -13.63 15.89 -23.81
C GLU A 493 -13.13 14.74 -24.69
N TYR A 494 -12.66 13.65 -24.08
CA TYR A 494 -12.09 12.54 -24.83
C TYR A 494 -12.69 11.22 -24.37
N HIS A 495 -12.72 10.26 -25.29
CA HIS A 495 -13.05 8.88 -24.99
C HIS A 495 -11.80 8.04 -25.19
N TRP A 496 -11.45 7.26 -24.17
CA TRP A 496 -10.23 6.45 -24.19
C TRP A 496 -10.64 4.98 -24.17
N GLU A 497 -10.44 4.28 -25.28
CA GLU A 497 -10.72 2.86 -25.33
C GLU A 497 -9.78 2.07 -24.43
N ARG A 498 -8.60 2.60 -24.16
CA ARG A 498 -7.61 1.88 -23.36
C ARG A 498 -6.62 2.88 -22.79
N ILE A 499 -6.24 2.66 -21.53
CA ILE A 499 -5.24 3.45 -20.83
C ILE A 499 -4.12 2.50 -20.42
N HIS A 500 -2.87 2.99 -20.50
CA HIS A 500 -1.70 2.17 -20.19
C HIS A 500 -0.92 2.83 -19.07
N LEU A 501 -0.76 2.11 -17.97
CA LEU A 501 -0.21 2.65 -16.73
C LEU A 501 1.23 2.18 -16.53
N PHE A 502 2.14 3.14 -16.39
CA PHE A 502 3.54 2.89 -16.08
C PHE A 502 3.92 3.83 -14.95
N GLN A 503 4.25 3.28 -13.79
CA GLN A 503 4.47 4.09 -12.61
C GLN A 503 5.78 3.78 -11.90
N THR A 504 6.46 4.83 -11.44
CA THR A 504 7.32 4.67 -10.28
C THR A 504 6.66 5.56 -9.23
N ALA A 505 6.52 5.04 -8.02
CA ALA A 505 5.77 5.70 -6.97
C ALA A 505 5.97 4.94 -5.69
N PRO A 506 5.71 5.57 -4.54
CA PRO A 506 5.76 4.83 -3.29
C PRO A 506 4.75 3.69 -3.27
N THR A 507 5.09 2.64 -2.53
CA THR A 507 4.24 1.47 -2.40
C THR A 507 2.84 1.86 -1.92
N ALA A 508 2.79 2.69 -0.87
CA ALA A 508 1.52 3.14 -0.34
C ALA A 508 0.76 3.99 -1.35
N LEU A 509 1.47 4.84 -2.09
CA LEU A 509 0.82 5.67 -3.10
C LEU A 509 0.26 4.81 -4.23
N CYS A 510 1.00 3.78 -4.65
CA CYS A 510 0.48 2.87 -5.67
C CYS A 510 -0.77 2.17 -5.18
N MET A 511 -0.76 1.72 -3.93
CA MET A 511 -1.95 1.07 -3.36
C MET A 511 -3.13 2.02 -3.31
N ALA A 512 -2.90 3.27 -2.89
CA ALA A 512 -3.98 4.24 -2.81
C ALA A 512 -4.53 4.60 -4.19
N LEU A 513 -3.65 4.71 -5.19
CA LEU A 513 -4.10 5.01 -6.53
C LEU A 513 -4.90 3.86 -7.12
N GLY A 514 -4.47 2.61 -6.87
CA GLY A 514 -5.28 1.48 -7.29
C GLY A 514 -6.61 1.43 -6.57
N ILE A 515 -6.64 1.86 -5.32
CA ILE A 515 -7.90 1.93 -4.57
C ILE A 515 -8.84 2.96 -5.21
N ALA A 516 -8.31 4.13 -5.55
CA ALA A 516 -9.16 5.21 -6.05
C ALA A 516 -9.62 4.93 -7.48
N VAL A 517 -8.68 4.66 -8.38
CA VAL A 517 -9.05 4.39 -9.77
C VAL A 517 -9.87 3.12 -9.87
N GLY A 518 -9.46 2.07 -9.17
CA GLY A 518 -10.22 0.84 -9.19
C GLY A 518 -10.15 0.14 -10.53
N HIS A 519 -11.23 -0.56 -10.87
CA HIS A 519 -11.32 -1.34 -12.08
C HIS A 519 -12.15 -0.67 -13.17
N PHE A 520 -12.54 0.59 -12.98
CA PHE A 520 -13.52 1.22 -13.85
C PHE A 520 -12.93 1.73 -15.16
N LEU A 521 -11.61 1.75 -15.30
CA LEU A 521 -11.04 2.27 -16.52
C LEU A 521 -10.29 1.19 -17.27
N PRO A 522 -10.26 1.26 -18.60
CA PRO A 522 -9.47 0.28 -19.36
C PRO A 522 -7.99 0.54 -19.21
N VAL A 523 -7.42 0.12 -18.09
CA VAL A 523 -6.04 0.40 -17.73
C VAL A 523 -5.27 -0.92 -17.70
N ASP A 524 -4.24 -1.01 -18.52
CA ASP A 524 -3.28 -2.11 -18.51
C ASP A 524 -2.04 -1.63 -17.78
N VAL A 525 -1.73 -2.25 -16.66
CA VAL A 525 -0.59 -1.84 -15.83
C VAL A 525 0.63 -2.65 -16.25
N TYR A 526 1.73 -1.96 -16.52
CA TYR A 526 2.95 -2.59 -16.98
C TYR A 526 4.01 -2.49 -15.89
N HIS A 527 4.51 -3.65 -15.45
CA HIS A 527 5.53 -3.68 -14.42
C HIS A 527 6.92 -3.57 -15.01
N TYR A 528 7.81 -2.88 -14.32
CA TYR A 528 9.21 -2.80 -14.69
C TYR A 528 9.99 -3.81 -13.86
N GLN A 529 10.59 -4.78 -14.54
CA GLN A 529 11.38 -5.81 -13.89
C GLN A 529 12.86 -5.46 -13.99
N PHE A 530 13.56 -5.51 -12.85
CA PHE A 530 14.97 -5.12 -12.85
C PHE A 530 15.85 -6.19 -13.49
N ASN A 531 15.62 -7.47 -13.17
CA ASN A 531 16.43 -8.57 -13.68
C ASN A 531 15.74 -9.24 -14.87
N ALA A 532 15.57 -8.46 -15.94
CA ALA A 532 14.89 -8.96 -17.12
C ALA A 532 15.51 -8.35 -18.37
N GLU A 533 15.55 -9.14 -19.44
CA GLU A 533 16.03 -8.65 -20.71
C GLU A 533 15.02 -7.68 -21.32
N GLU A 534 15.49 -6.87 -22.27
CA GLU A 534 14.63 -5.91 -22.93
C GLU A 534 13.55 -6.64 -23.74
N PRO A 535 12.29 -6.21 -23.66
CA PRO A 535 11.77 -5.08 -22.88
C PRO A 535 11.57 -5.43 -21.41
N LYS A 536 11.83 -4.48 -20.51
CA LYS A 536 11.64 -4.70 -19.08
C LYS A 536 10.23 -4.33 -18.63
N TYR A 537 9.37 -3.91 -19.54
CA TYR A 537 7.97 -3.68 -19.25
C TYR A 537 7.13 -4.83 -19.81
N ARG A 538 6.01 -5.10 -19.15
CA ARG A 538 5.12 -6.16 -19.57
C ARG A 538 3.77 -5.96 -18.91
N CYS A 539 2.70 -6.12 -19.69
CA CYS A 539 1.37 -5.95 -19.12
C CYS A 539 1.08 -7.12 -18.19
N VAL A 540 1.42 -6.95 -16.91
CA VAL A 540 1.22 -8.03 -15.96
C VAL A 540 -0.27 -8.21 -15.67
N PHE A 541 -1.05 -7.14 -15.73
CA PHE A 541 -2.48 -7.24 -15.54
C PHE A 541 -3.17 -6.04 -16.19
N SER A 542 -4.48 -6.18 -16.37
CA SER A 542 -5.34 -5.10 -16.86
C SER A 542 -6.31 -4.75 -15.76
N LEU A 543 -6.39 -3.45 -15.42
CA LEU A 543 -7.16 -3.02 -14.26
C LEU A 543 -8.65 -3.37 -14.39
N ASP A 544 -9.19 -3.31 -15.60
CA ASP A 544 -10.59 -3.69 -15.79
C ASP A 544 -10.79 -5.20 -15.81
N LYS A 545 -9.74 -5.98 -16.06
CA LYS A 545 -9.85 -7.42 -16.19
C LYS A 545 -9.62 -8.17 -14.88
N MET A 546 -9.37 -7.45 -13.77
CA MET A 546 -9.09 -8.12 -12.51
C MET A 546 -10.32 -8.79 -11.93
N LEU A 547 -11.50 -8.23 -12.17
CA LEU A 547 -12.75 -8.83 -11.71
C LEU A 547 -13.14 -10.06 -12.51
N ASN A 548 -12.46 -10.35 -13.62
CA ASN A 548 -12.72 -11.56 -14.39
C ASN A 548 -11.78 -12.69 -13.95
N SER B 197 29.07 -13.82 41.96
CA SER B 197 29.05 -13.48 40.53
C SER B 197 27.62 -13.42 40.01
N TRP B 198 26.68 -13.92 40.81
CA TRP B 198 25.27 -13.95 40.44
C TRP B 198 24.58 -12.60 40.62
N GLN B 199 25.34 -11.52 40.79
CA GLN B 199 24.75 -10.22 41.05
C GLN B 199 24.18 -9.60 39.78
N LEU B 200 25.02 -9.46 38.75
CA LEU B 200 24.64 -8.73 37.54
C LEU B 200 23.35 -9.26 36.93
N ALA B 201 23.20 -10.58 36.89
CA ALA B 201 21.98 -11.20 36.37
C ALA B 201 20.75 -10.65 37.07
N VAL B 202 20.75 -10.69 38.41
CA VAL B 202 19.66 -10.07 39.16
C VAL B 202 19.61 -8.58 38.86
N LEU B 203 20.78 -7.94 38.84
CA LEU B 203 20.85 -6.53 38.47
C LEU B 203 20.26 -6.31 37.08
N ALA B 204 20.48 -7.27 36.17
CA ALA B 204 19.90 -7.16 34.84
C ALA B 204 18.37 -7.09 34.91
N THR B 205 17.77 -7.99 35.69
CA THR B 205 16.31 -7.97 35.78
C THR B 205 15.80 -6.85 36.67
N LEU B 206 16.72 -6.04 37.22
CA LEU B 206 16.34 -4.82 37.91
C LEU B 206 16.57 -3.58 37.05
N LEU B 207 16.94 -3.75 35.77
CA LEU B 207 17.10 -2.62 34.87
C LEU B 207 16.35 -2.78 33.55
N VAL B 208 15.69 -3.90 33.32
CA VAL B 208 14.96 -4.11 32.07
C VAL B 208 13.61 -3.42 32.17
N LYS B 209 13.30 -2.58 31.17
CA LYS B 209 12.04 -1.85 31.12
C LYS B 209 11.01 -2.50 30.22
N ASP B 210 11.45 -3.20 29.17
CA ASP B 210 10.53 -3.85 28.25
C ASP B 210 9.86 -5.07 28.90
N LYS B 250 31.66 -3.62 33.50
CA LYS B 250 32.57 -2.60 34.01
C LYS B 250 31.79 -1.48 34.71
N LYS B 251 30.82 -0.91 34.01
CA LYS B 251 30.02 0.19 34.52
C LYS B 251 28.54 -0.18 34.49
N ILE B 252 27.80 0.37 35.45
CA ILE B 252 26.36 0.09 35.53
C ILE B 252 25.61 0.73 34.36
N GLU B 253 26.10 1.88 33.88
CA GLU B 253 25.45 2.55 32.76
C GLU B 253 25.49 1.67 31.51
N GLN B 254 26.62 0.97 31.30
CA GLN B 254 26.74 0.08 30.15
C GLN B 254 25.68 -1.02 30.19
N LEU B 255 25.53 -1.67 31.33
CA LEU B 255 24.53 -2.73 31.45
C LEU B 255 23.12 -2.19 31.30
N ASP B 256 22.84 -1.03 31.90
CA ASP B 256 21.50 -0.46 31.82
C ASP B 256 21.14 -0.11 30.38
N ALA B 257 22.06 0.52 29.65
CA ALA B 257 21.79 0.86 28.26
C ALA B 257 21.84 -0.36 27.34
N TRP B 258 22.54 -1.42 27.73
CA TRP B 258 22.51 -2.65 26.95
C TRP B 258 21.17 -3.34 27.07
N LEU B 259 20.58 -3.31 28.27
CA LEU B 259 19.30 -3.95 28.49
C LEU B 259 18.11 -3.04 28.17
N ASN B 260 18.33 -1.75 27.95
CA ASN B 260 17.23 -0.81 27.82
C ASN B 260 17.15 -0.07 26.50
N THR B 261 18.22 0.01 25.72
CA THR B 261 18.15 0.73 24.46
C THR B 261 17.39 -0.10 23.42
N GLU B 262 17.05 0.56 22.32
CA GLU B 262 16.40 -0.09 21.18
C GLU B 262 17.29 -0.12 19.95
N THR B 263 17.92 1.00 19.63
CA THR B 263 18.75 1.13 18.43
C THR B 263 20.18 0.67 18.75
N ILE B 264 20.32 -0.65 18.89
CA ILE B 264 21.60 -1.27 19.19
C ILE B 264 22.52 -1.18 17.97
N PRO B 265 23.69 -0.56 18.10
CA PRO B 265 24.58 -0.42 16.94
C PRO B 265 25.29 -1.72 16.59
N LEU B 266 25.77 -1.77 15.34
CA LEU B 266 26.62 -2.85 14.85
C LEU B 266 27.66 -2.29 13.88
N PRO B 267 28.92 -2.18 14.28
CA PRO B 267 29.95 -1.70 13.35
C PRO B 267 30.52 -2.81 12.49
N VAL B 268 30.48 -2.64 11.17
CA VAL B 268 30.86 -3.68 10.23
C VAL B 268 31.84 -3.11 9.21
N ILE B 269 32.92 -3.85 8.97
CA ILE B 269 33.98 -3.43 8.06
C ILE B 269 34.08 -4.42 6.91
N GLN B 270 34.21 -3.88 5.69
CA GLN B 270 34.47 -4.69 4.51
C GLN B 270 35.96 -4.62 4.19
N TYR B 271 36.59 -5.78 4.10
CA TYR B 271 38.05 -5.85 4.03
C TYR B 271 38.52 -6.92 3.05
N GLU B 274 45.69 -7.68 5.68
CA GLU B 274 46.27 -8.28 6.88
C GLU B 274 45.27 -8.30 8.03
N GLU B 275 45.15 -9.44 8.70
CA GLU B 275 44.19 -9.58 9.79
C GLU B 275 44.50 -8.64 10.95
N ASN B 276 45.76 -8.30 11.15
CA ASN B 276 46.11 -7.30 12.15
C ASN B 276 45.51 -5.94 11.79
N GLU B 277 45.55 -5.58 10.51
CA GLU B 277 44.89 -4.35 10.07
C GLU B 277 43.38 -4.44 10.23
N LEU B 278 42.81 -5.64 10.06
CA LEU B 278 41.38 -5.82 10.34
C LEU B 278 41.09 -5.56 11.81
N LYS B 279 41.92 -6.08 12.71
CA LYS B 279 41.73 -5.83 14.13
C LYS B 279 41.86 -4.35 14.45
N ARG B 280 42.84 -3.67 13.85
CA ARG B 280 43.02 -2.24 14.08
C ARG B 280 41.82 -1.44 13.59
N TRP B 281 41.31 -1.76 12.40
CA TRP B 281 40.15 -1.04 11.87
C TRP B 281 38.91 -1.32 12.71
N GLN B 282 38.76 -2.55 13.19
CA GLN B 282 37.62 -2.86 14.06
C GLN B 282 37.72 -2.12 15.38
N LYS B 283 38.93 -2.00 15.95
CA LYS B 283 39.10 -1.22 17.17
C LYS B 283 38.76 0.25 16.94
N ALA B 284 39.19 0.79 15.79
CA ALA B 284 38.84 2.18 15.46
C ALA B 284 37.33 2.34 15.31
N MET B 285 36.67 1.35 14.68
CA MET B 285 35.21 1.40 14.56
C MET B 285 34.54 1.32 15.91
N GLU B 286 35.10 0.51 16.83
CA GLU B 286 34.58 0.44 18.18
C GLU B 286 34.69 1.77 18.89
N GLN B 287 35.82 2.46 18.72
CA GLN B 287 35.98 3.79 19.31
C GLN B 287 34.98 4.78 18.71
N LYS B 288 34.81 4.74 17.38
CA LYS B 288 33.90 5.67 16.73
C LYS B 288 32.46 5.45 17.17
N VAL B 289 32.03 4.19 17.26
CA VAL B 289 30.67 3.91 17.73
C VAL B 289 30.54 4.13 19.23
N GLN B 290 31.66 4.14 19.97
CA GLN B 290 31.62 4.52 21.37
C GLN B 290 31.49 6.02 21.55
N GLU B 291 31.93 6.80 20.55
CA GLU B 291 31.70 8.24 20.60
C GLU B 291 30.22 8.57 20.75
N LYS B 292 29.36 7.82 20.07
CA LYS B 292 27.92 8.01 20.18
C LYS B 292 27.25 7.04 21.14
N PHE B 293 27.84 5.86 21.35
CA PHE B 293 27.30 4.86 22.28
C PHE B 293 28.45 4.40 23.17
N SER B 294 28.71 5.16 24.25
CA SER B 294 29.79 4.83 25.16
C SER B 294 29.53 3.56 25.95
N TRP B 295 28.29 3.06 25.93
CA TRP B 295 27.94 1.82 26.60
C TRP B 295 28.17 0.58 25.74
N PHE B 296 28.50 0.76 24.47
CA PHE B 296 28.63 -0.35 23.54
C PHE B 296 30.08 -0.82 23.47
N SER B 297 30.27 -2.12 23.43
CA SER B 297 31.61 -2.70 23.33
C SER B 297 31.55 -3.96 22.49
N TYR B 298 32.68 -4.30 21.86
CA TYR B 298 32.76 -5.50 21.05
C TYR B 298 32.60 -6.75 21.91
N GLU B 299 33.28 -6.79 23.05
CA GLU B 299 33.12 -7.92 23.97
C GLU B 299 31.70 -7.96 24.53
N LEU B 300 31.13 -6.80 24.85
CA LEU B 300 29.75 -6.75 25.28
C LEU B 300 28.81 -7.19 24.17
N LEU B 301 29.12 -6.81 22.93
CA LEU B 301 28.32 -7.25 21.79
C LEU B 301 28.34 -8.76 21.65
N GLU B 302 29.51 -9.36 21.78
CA GLU B 302 29.63 -10.82 21.68
C GLU B 302 28.91 -11.50 22.83
N ASP B 303 28.98 -10.93 24.03
CA ASP B 303 28.34 -11.55 25.19
C ASP B 303 26.82 -11.44 25.11
N PHE B 304 26.30 -10.32 24.58
CA PHE B 304 24.87 -10.08 24.59
C PHE B 304 24.15 -10.64 23.38
N TYR B 305 24.74 -10.54 22.19
CA TYR B 305 24.08 -10.96 20.97
C TYR B 305 24.79 -12.08 20.23
N GLY B 306 26.03 -12.41 20.61
CA GLY B 306 26.77 -13.44 19.93
C GLY B 306 27.45 -13.02 18.64
N ILE B 307 27.32 -11.75 18.25
CA ILE B 307 27.95 -11.25 17.04
C ILE B 307 29.41 -10.99 17.33
N THR B 308 30.29 -11.85 16.85
CA THR B 308 31.72 -11.67 17.02
C THR B 308 32.25 -10.69 15.99
N ASN B 309 33.50 -10.27 16.19
CA ASN B 309 34.12 -9.32 15.27
C ASN B 309 34.27 -9.90 13.88
N SER B 310 34.50 -11.21 13.77
CA SER B 310 34.58 -11.85 12.47
C SER B 310 33.22 -11.84 11.77
N ASP B 311 32.13 -11.99 12.53
CA ASP B 311 30.80 -11.87 11.97
C ASP B 311 30.56 -10.50 11.37
N LEU B 312 31.20 -9.47 11.92
CA LEU B 312 31.10 -8.12 11.42
C LEU B 312 32.15 -7.80 10.36
N ALA B 313 32.98 -8.79 10.00
CA ALA B 313 34.12 -8.58 9.12
C ALA B 313 33.87 -9.27 7.78
N ILE B 314 33.94 -8.51 6.70
CA ILE B 314 33.92 -9.08 5.34
C ILE B 314 35.38 -9.33 4.98
N PHE B 315 35.87 -10.49 5.40
CA PHE B 315 37.30 -10.80 5.40
C PHE B 315 37.64 -11.80 4.30
N GLY B 316 38.94 -11.97 4.07
CA GLY B 316 39.49 -12.83 3.05
C GLY B 316 40.89 -12.36 2.70
N ASN B 317 41.83 -13.29 2.61
CA ASN B 317 43.23 -12.93 2.53
C ASN B 317 43.63 -12.53 1.12
N GLY B 318 44.74 -11.80 1.03
CA GLY B 318 45.33 -11.44 -0.24
C GLY B 318 44.60 -10.30 -0.93
N ILE B 319 45.25 -9.77 -1.97
CA ILE B 319 44.61 -8.74 -2.78
C ILE B 319 43.48 -9.37 -3.59
N LEU B 320 42.57 -8.50 -4.04
CA LEU B 320 41.41 -8.98 -4.77
C LEU B 320 41.79 -9.26 -6.22
N PRO B 321 41.62 -10.49 -6.70
CA PRO B 321 41.80 -10.75 -8.13
C PRO B 321 40.75 -10.02 -8.95
N PHE B 322 41.14 -9.61 -10.15
CA PHE B 322 40.22 -8.88 -11.02
C PHE B 322 39.11 -9.75 -11.57
N GLU B 323 39.20 -11.07 -11.41
CA GLU B 323 38.19 -11.98 -11.96
C GLU B 323 36.83 -11.76 -11.31
N ALA B 324 35.79 -11.80 -12.14
CA ALA B 324 34.44 -11.54 -11.65
C ALA B 324 33.92 -12.65 -10.77
N ASN B 325 34.39 -13.88 -10.98
CA ASN B 325 33.92 -15.02 -10.19
C ASN B 325 34.28 -14.85 -8.72
N ALA B 326 35.49 -14.33 -8.45
CA ALA B 326 35.91 -14.12 -7.07
C ALA B 326 35.02 -13.11 -6.37
N TRP B 327 34.69 -12.01 -7.05
CA TRP B 327 33.82 -11.00 -6.44
C TRP B 327 32.42 -11.54 -6.22
N GLN B 328 31.87 -12.25 -7.22
CA GLN B 328 30.53 -12.80 -7.07
C GLN B 328 30.47 -13.81 -5.93
N LYS B 329 31.49 -14.65 -5.80
CA LYS B 329 31.53 -15.61 -4.70
C LYS B 329 31.72 -14.91 -3.36
N LEU B 330 32.50 -13.84 -3.33
CA LEU B 330 32.69 -13.10 -2.09
C LEU B 330 31.38 -12.48 -1.61
N LEU B 331 30.61 -11.91 -2.54
CA LEU B 331 29.29 -11.38 -2.16
C LEU B 331 28.35 -12.50 -1.75
N GLN B 332 28.36 -13.62 -2.48
CA GLN B 332 27.39 -14.69 -2.22
C GLN B 332 27.67 -15.40 -0.90
N GLU B 333 28.94 -15.51 -0.50
CA GLU B 333 29.28 -16.29 0.69
C GLU B 333 28.88 -15.57 1.96
N GLN B 334 29.45 -14.39 2.21
CA GLN B 334 29.24 -13.66 3.45
C GLN B 334 28.27 -12.49 3.29
N VAL B 335 28.51 -11.62 2.31
CA VAL B 335 27.80 -10.35 2.22
C VAL B 335 26.33 -10.52 1.87
N LYS B 336 25.97 -11.62 1.19
CA LYS B 336 24.61 -11.78 0.72
C LYS B 336 23.61 -11.89 1.87
N ASP B 337 23.97 -12.63 2.92
CA ASP B 337 23.04 -12.91 4.01
C ASP B 337 23.56 -12.45 5.37
N LYS B 338 24.65 -11.69 5.41
CA LYS B 338 25.17 -11.21 6.69
C LYS B 338 24.16 -10.30 7.38
N PHE B 339 23.57 -9.36 6.63
CA PHE B 339 22.57 -8.46 7.20
C PHE B 339 21.36 -9.25 7.68
N LYS B 340 20.90 -10.21 6.89
CA LYS B 340 19.74 -11.01 7.29
C LYS B 340 20.02 -11.77 8.57
N LEU B 341 21.18 -12.42 8.66
CA LEU B 341 21.52 -13.19 9.86
C LEU B 341 21.68 -12.29 11.08
N LEU B 342 22.36 -11.16 10.93
CA LEU B 342 22.63 -10.30 12.08
C LEU B 342 21.36 -9.64 12.60
N GLU B 343 20.48 -9.20 11.69
CA GLU B 343 19.16 -8.74 12.14
C GLU B 343 18.32 -9.87 12.73
N ASP B 344 18.49 -11.10 12.25
CA ASP B 344 17.78 -12.21 12.86
C ASP B 344 18.27 -12.46 14.28
N LYS B 345 19.55 -12.23 14.54
CA LYS B 345 20.09 -12.42 15.89
C LYS B 345 19.45 -11.46 16.87
N VAL B 346 19.49 -10.15 16.56
CA VAL B 346 18.85 -9.15 17.41
C VAL B 346 17.43 -8.96 16.86
N MET B 347 16.52 -9.81 17.33
CA MET B 347 15.17 -9.87 16.77
C MET B 347 14.25 -8.76 17.31
N PRO B 348 14.15 -8.54 18.62
CA PRO B 348 13.19 -7.50 19.07
C PRO B 348 13.65 -6.09 18.78
N LYS B 349 14.92 -5.78 19.04
CA LYS B 349 15.39 -4.40 18.97
C LYS B 349 15.57 -3.94 17.53
N LYS B 350 15.49 -2.63 17.33
CA LYS B 350 15.79 -2.04 16.05
C LYS B 350 17.30 -2.03 15.81
N VAL B 351 17.69 -1.71 14.59
CA VAL B 351 19.08 -1.84 14.16
C VAL B 351 19.55 -0.53 13.53
N LEU B 352 20.67 -0.03 14.01
CA LEU B 352 21.37 1.10 13.38
C LEU B 352 22.75 0.60 12.96
N TRP B 353 22.89 0.32 11.67
CA TRP B 353 24.17 -0.16 11.16
C TRP B 353 25.22 0.94 11.19
N PHE B 354 26.47 0.54 11.35
CA PHE B 354 27.62 1.44 11.26
C PHE B 354 28.61 0.81 10.29
N TYR B 355 28.59 1.27 9.04
CA TYR B 355 29.34 0.59 7.98
C TYR B 355 30.62 1.35 7.65
N ALA B 356 31.71 0.60 7.52
CA ALA B 356 32.96 1.07 6.94
C ALA B 356 33.39 0.07 5.87
N GLY B 357 34.15 0.56 4.88
CA GLY B 357 34.58 -0.30 3.79
C GLY B 357 35.94 0.10 3.29
N GLN B 358 36.47 -0.73 2.38
CA GLN B 358 37.82 -0.56 1.87
C GLN B 358 37.88 -0.33 0.37
N ILE B 359 37.23 -1.19 -0.43
CA ILE B 359 37.33 -1.15 -1.88
C ILE B 359 36.16 -0.37 -2.45
N SER B 360 36.44 0.49 -3.44
CA SER B 360 35.48 1.52 -3.84
C SER B 360 34.36 0.93 -4.70
N THR B 361 34.72 0.35 -5.85
CA THR B 361 33.70 -0.13 -6.78
C THR B 361 32.89 -1.30 -6.22
N LEU B 362 33.43 -2.00 -5.21
CA LEU B 362 32.69 -3.06 -4.54
C LEU B 362 31.67 -2.50 -3.54
N GLN B 363 31.82 -1.24 -3.13
CA GLN B 363 30.87 -0.64 -2.22
C GLN B 363 29.48 -0.55 -2.82
N LEU B 364 29.39 -0.40 -4.15
CA LEU B 364 28.08 -0.39 -4.80
C LEU B 364 27.38 -1.74 -4.65
N GLY B 365 28.11 -2.83 -4.83
CA GLY B 365 27.53 -4.14 -4.62
C GLY B 365 27.11 -4.36 -3.17
N ILE B 366 27.95 -3.94 -2.24
CA ILE B 366 27.62 -4.10 -0.82
C ILE B 366 26.40 -3.26 -0.44
N GLY B 367 26.31 -2.05 -0.98
CA GLY B 367 25.15 -1.20 -0.71
C GLY B 367 23.87 -1.74 -1.32
N ALA B 368 23.96 -2.27 -2.53
CA ALA B 368 22.80 -2.91 -3.14
C ALA B 368 22.34 -4.11 -2.33
N LEU B 369 23.30 -4.86 -1.76
CA LEU B 369 22.93 -5.93 -0.85
C LEU B 369 22.22 -5.38 0.39
N PHE B 370 22.72 -4.27 0.95
CA PHE B 370 22.11 -3.70 2.14
C PHE B 370 20.74 -3.09 1.85
N GLY B 371 20.65 -2.29 0.79
CA GLY B 371 19.39 -1.70 0.39
C GLY B 371 19.11 -0.37 1.07
N PHE B 372 18.13 0.35 0.52
CA PHE B 372 17.76 1.67 1.03
C PHE B 372 16.91 1.60 2.29
N LYS B 373 16.56 0.41 2.75
CA LYS B 373 15.64 0.22 3.85
C LYS B 373 16.34 -0.03 5.19
N ARG B 374 17.64 0.21 5.25
CA ARG B 374 18.42 0.00 6.46
C ARG B 374 18.83 1.34 7.06
N ALA B 375 18.47 1.55 8.33
CA ALA B 375 18.89 2.74 9.05
C ALA B 375 20.37 2.64 9.34
N VAL B 376 21.19 3.23 8.47
CA VAL B 376 22.63 3.00 8.47
C VAL B 376 23.37 4.33 8.55
N SER B 377 24.40 4.37 9.38
CA SER B 377 25.40 5.43 9.38
C SER B 377 26.63 4.89 8.67
N ILE B 378 27.03 5.55 7.59
CA ILE B 378 28.22 5.14 6.84
C ILE B 378 29.35 6.06 7.27
N LEU B 379 30.40 5.47 7.83
CA LEU B 379 31.52 6.21 8.39
C LEU B 379 32.63 6.33 7.35
N GLN B 380 33.76 6.91 7.73
CA GLN B 380 34.90 7.04 6.83
C GLN B 380 36.22 6.92 7.58
N THR B 387 41.41 7.50 13.01
CA THR B 387 40.16 8.09 13.45
C THR B 387 39.06 7.94 12.40
N TYR B 388 37.87 7.57 12.84
CA TYR B 388 36.73 7.42 11.96
C TYR B 388 35.79 8.61 12.10
N HIS B 389 35.22 9.04 10.97
CA HIS B 389 34.27 10.15 10.93
C HIS B 389 33.03 9.68 10.19
N GLU B 390 31.88 9.81 10.83
CA GLU B 390 30.63 9.43 10.19
C GLU B 390 30.21 10.50 9.19
N VAL B 391 30.01 10.09 7.94
CA VAL B 391 29.76 11.03 6.87
C VAL B 391 28.38 10.86 6.23
N PHE B 392 27.73 9.70 6.37
CA PHE B 392 26.41 9.49 5.79
C PHE B 392 25.45 9.16 6.92
N ILE B 393 24.63 10.15 7.28
CA ILE B 393 23.64 10.03 8.34
C ILE B 393 22.31 9.75 7.67
N LEU B 394 21.89 8.49 7.68
CA LEU B 394 20.59 8.08 7.15
C LEU B 394 19.66 7.64 8.28
N TYR B 395 19.75 8.32 9.42
CA TYR B 395 18.91 8.01 10.56
C TYR B 395 18.60 9.26 11.37
N ARG B 401 14.01 9.97 4.01
CA ARG B 401 13.96 9.62 2.59
C ARG B 401 14.83 10.55 1.76
N GLN B 402 15.43 11.54 2.43
CA GLN B 402 16.16 12.60 1.75
C GLN B 402 17.30 12.08 0.90
N LEU B 403 17.79 10.87 1.17
CA LEU B 403 18.87 10.31 0.36
C LEU B 403 18.45 10.11 -1.09
N LYS B 404 17.16 9.91 -1.34
CA LYS B 404 16.65 9.63 -2.69
C LYS B 404 15.95 10.83 -3.31
N ASN B 405 16.44 12.04 -3.06
CA ASN B 405 15.83 13.25 -3.60
C ASN B 405 16.39 13.50 -4.99
N VAL B 406 15.50 13.55 -5.98
CA VAL B 406 15.86 13.83 -7.37
C VAL B 406 15.29 15.16 -7.84
N SER B 407 14.76 15.98 -6.93
CA SER B 407 14.14 17.23 -7.31
C SER B 407 15.13 18.26 -7.82
N VAL B 408 16.41 18.09 -7.51
CA VAL B 408 17.41 19.11 -7.82
C VAL B 408 17.62 19.16 -9.32
N LYS B 409 17.20 20.25 -9.94
CA LYS B 409 17.39 20.43 -11.38
C LYS B 409 18.86 20.71 -11.68
N LYS B 410 19.20 20.65 -12.97
CA LYS B 410 20.59 20.85 -13.37
C LYS B 410 21.06 22.27 -13.11
N GLU B 411 20.15 23.25 -13.12
CA GLU B 411 20.55 24.63 -12.90
C GLU B 411 21.01 24.86 -11.46
N ASP B 412 20.24 24.37 -10.49
CA ASP B 412 20.56 24.59 -9.08
C ASP B 412 21.37 23.45 -8.48
N TYR B 413 22.47 23.08 -9.12
CA TYR B 413 23.38 22.06 -8.61
C TYR B 413 24.46 22.74 -7.79
N GLN B 414 24.52 22.41 -6.50
CA GLN B 414 25.46 23.06 -5.59
C GLN B 414 26.85 22.45 -5.64
N TYR B 415 26.96 21.13 -5.73
CA TYR B 415 28.24 20.44 -5.64
C TYR B 415 28.74 19.93 -6.98
N ILE B 416 27.95 19.10 -7.66
CA ILE B 416 28.46 18.36 -8.81
C ILE B 416 28.00 19.04 -10.10
N GLN B 417 28.70 18.71 -11.18
CA GLN B 417 28.34 19.13 -12.53
C GLN B 417 28.07 17.89 -13.36
N SER B 418 26.92 17.85 -14.02
CA SER B 418 26.51 16.71 -14.82
C SER B 418 26.50 17.09 -16.30
N GLU B 419 26.96 16.18 -17.15
CA GLU B 419 27.02 16.41 -18.59
C GLU B 419 26.65 15.11 -19.28
N LEU B 420 25.38 14.99 -19.67
CA LEU B 420 24.89 13.83 -20.41
C LEU B 420 25.20 14.03 -21.89
N LEU B 421 25.97 13.11 -22.46
CA LEU B 421 26.39 13.18 -23.86
C LEU B 421 25.81 11.99 -24.61
N ILE B 422 24.96 12.25 -25.60
CA ILE B 422 24.31 11.22 -26.39
C ILE B 422 24.76 11.39 -27.83
N ASN B 423 25.30 10.32 -28.41
CA ASN B 423 25.68 10.30 -29.81
C ASN B 423 24.89 9.30 -30.65
N GLU B 424 24.29 8.28 -30.04
CA GLU B 424 23.50 7.27 -30.74
C GLU B 424 22.13 7.20 -30.06
N PRO B 425 21.20 8.06 -30.46
CA PRO B 425 19.89 8.10 -29.78
C PRO B 425 19.09 6.82 -29.92
N HIS B 426 19.37 5.99 -30.93
CA HIS B 426 18.63 4.74 -31.12
C HIS B 426 19.16 3.60 -30.26
N LYS B 427 20.26 3.80 -29.57
CA LYS B 427 20.89 2.75 -28.77
C LYS B 427 20.57 2.97 -27.30
N ASN B 428 20.01 1.94 -26.65
CA ASN B 428 19.50 2.05 -25.29
C ASN B 428 20.52 1.49 -24.31
N GLU B 429 21.57 2.28 -24.06
CA GLU B 429 22.58 1.95 -23.06
C GLU B 429 23.34 3.22 -22.71
N LEU B 430 23.87 3.26 -21.49
CA LEU B 430 24.49 4.48 -20.99
C LEU B 430 25.76 4.18 -20.21
N GLY B 431 26.81 4.94 -20.51
CA GLY B 431 28.00 4.95 -19.68
C GLY B 431 27.81 5.92 -18.52
N PHE B 432 28.39 5.58 -17.37
CA PHE B 432 28.05 6.25 -16.12
C PHE B 432 29.31 6.59 -15.32
N ILE B 433 30.26 7.27 -15.98
CA ILE B 433 31.47 7.72 -15.31
C ILE B 433 31.11 8.70 -14.19
N ILE B 434 31.52 8.41 -12.97
CA ILE B 434 31.30 9.28 -11.81
C ILE B 434 32.66 9.60 -11.21
N TYR B 435 33.05 10.87 -11.27
CA TYR B 435 34.41 11.31 -10.94
C TYR B 435 34.39 12.07 -9.61
N LEU B 436 34.55 11.32 -8.51
CA LEU B 436 34.63 11.93 -7.18
C LEU B 436 35.74 11.31 -6.32
N GLY B 437 36.68 10.59 -6.91
CA GLY B 437 37.77 10.01 -6.16
C GLY B 437 39.04 10.83 -6.20
N SER B 438 40.13 10.21 -6.68
CA SER B 438 41.42 10.91 -6.79
C SER B 438 41.88 11.06 -8.23
N HIS B 439 42.01 9.96 -8.97
CA HIS B 439 42.48 9.99 -10.34
C HIS B 439 41.32 10.22 -11.29
N ASN B 440 41.61 10.82 -12.44
CA ASN B 440 40.59 11.13 -13.43
C ASN B 440 40.40 9.92 -14.35
N PRO B 441 39.26 9.24 -14.29
CA PRO B 441 39.03 8.07 -15.15
C PRO B 441 38.32 8.37 -16.47
N ILE B 442 38.22 9.64 -16.86
CA ILE B 442 37.37 10.01 -18.00
C ILE B 442 37.91 9.40 -19.29
N GLY B 443 39.20 9.59 -19.56
CA GLY B 443 39.74 9.14 -20.83
C GLY B 443 39.74 7.63 -20.98
N GLU B 444 40.16 6.91 -19.93
CA GLU B 444 40.22 5.46 -19.98
C GLU B 444 38.83 4.87 -20.15
N ALA B 445 37.85 5.38 -19.40
CA ALA B 445 36.49 4.86 -19.49
C ALA B 445 35.85 5.20 -20.84
N LYS B 446 36.11 6.39 -21.36
CA LYS B 446 35.59 6.75 -22.67
C LYS B 446 36.16 5.86 -23.75
N ALA B 447 37.48 5.60 -23.70
CA ALA B 447 38.09 4.69 -24.67
C ALA B 447 37.54 3.28 -24.52
N TYR B 448 37.30 2.84 -23.29
CA TYR B 448 36.77 1.49 -23.07
C TYR B 448 35.36 1.37 -23.64
N CYS B 449 34.51 2.38 -23.41
CA CYS B 449 33.16 2.35 -23.95
C CYS B 449 33.16 2.41 -25.48
N GLN B 450 34.02 3.24 -26.06
CA GLN B 450 34.05 3.37 -27.50
C GLN B 450 34.86 2.27 -28.18
N LYS B 451 35.51 1.40 -27.42
CA LYS B 451 36.33 0.34 -28.00
C LYS B 451 35.82 -1.05 -27.68
N GLN B 452 35.63 -1.37 -26.40
CA GLN B 452 35.24 -2.71 -25.99
C GLN B 452 33.74 -2.85 -25.73
N LEU B 453 32.97 -1.78 -25.88
CA LEU B 453 31.54 -1.85 -25.66
C LEU B 453 30.71 -1.14 -26.73
N GLN B 454 31.33 -0.33 -27.59
CA GLN B 454 30.63 0.40 -28.66
C GLN B 454 29.51 1.26 -28.09
N ILE B 455 29.80 1.98 -27.01
CA ILE B 455 28.85 2.86 -26.35
C ILE B 455 29.31 4.30 -26.57
N ASN B 456 28.40 5.12 -27.10
CA ASN B 456 28.65 6.55 -27.25
C ASN B 456 27.69 7.40 -26.42
N ASN B 457 26.91 6.77 -25.55
CA ASN B 457 26.03 7.47 -24.62
C ASN B 457 26.63 7.34 -23.23
N PHE B 458 27.19 8.43 -22.73
CA PHE B 458 27.90 8.41 -21.45
C PHE B 458 27.42 9.52 -20.55
N LEU B 459 27.42 9.25 -19.25
CA LEU B 459 27.05 10.22 -18.22
C LEU B 459 28.28 10.50 -17.38
N ILE B 460 28.62 11.78 -17.24
CA ILE B 460 29.83 12.19 -16.54
C ILE B 460 29.42 13.07 -15.36
N ILE B 461 29.71 12.61 -14.15
CA ILE B 461 29.44 13.36 -12.92
C ILE B 461 30.77 13.72 -12.28
N GLN B 462 31.00 15.01 -12.09
CA GLN B 462 32.22 15.49 -11.44
C GLN B 462 32.01 16.86 -10.82
N VAL B 469 39.58 14.93 -1.40
CA VAL B 469 39.15 15.93 -2.37
C VAL B 469 37.84 16.58 -1.93
N MET B 470 37.18 15.96 -0.96
CA MET B 470 35.87 16.37 -0.49
C MET B 470 35.88 16.54 1.02
N GLU B 471 35.24 17.60 1.50
CA GLU B 471 35.24 17.92 2.93
C GLU B 471 34.50 16.85 3.71
N THR B 472 35.24 16.05 4.47
CA THR B 472 34.65 14.91 5.17
C THR B 472 33.85 15.32 6.40
N SER B 473 34.00 16.55 6.87
CA SER B 473 33.31 16.96 8.08
C SER B 473 31.81 17.09 7.87
N GLN B 474 31.40 17.62 6.72
CA GLN B 474 29.99 17.91 6.46
C GLN B 474 29.22 16.63 6.14
N ASN B 475 27.90 16.76 6.12
CA ASN B 475 27.04 15.67 5.68
C ASN B 475 27.19 15.48 4.17
N TRP B 476 27.07 14.23 3.73
CA TRP B 476 27.38 13.86 2.36
C TRP B 476 26.12 13.53 1.54
N LEU B 477 24.96 13.96 2.01
CA LEU B 477 23.68 13.65 1.36
C LEU B 477 23.40 14.45 0.08
N PRO B 478 23.69 15.76 0.00
CA PRO B 478 23.42 16.48 -1.26
C PRO B 478 24.17 15.93 -2.46
N TYR B 479 25.36 15.35 -2.26
CA TYR B 479 26.08 14.73 -3.37
C TYR B 479 25.27 13.58 -3.96
N LEU B 480 24.77 12.70 -3.09
CA LEU B 480 23.96 11.58 -3.56
C LEU B 480 22.65 12.07 -4.17
N GLN B 481 22.05 13.11 -3.58
CA GLN B 481 20.81 13.66 -4.11
C GLN B 481 21.01 14.18 -5.53
N GLU B 482 22.05 14.97 -5.75
CA GLU B 482 22.30 15.51 -7.08
C GLU B 482 22.73 14.43 -8.06
N ILE B 483 23.43 13.40 -7.60
CA ILE B 483 23.81 12.30 -8.49
C ILE B 483 22.56 11.57 -8.97
N ASN B 484 21.67 11.22 -8.05
CA ASN B 484 20.42 10.55 -8.43
C ASN B 484 19.57 11.46 -9.31
N SER B 485 19.56 12.76 -9.03
CA SER B 485 18.81 13.70 -9.85
C SER B 485 19.34 13.75 -11.27
N ALA B 486 20.67 13.77 -11.43
CA ALA B 486 21.25 13.75 -12.78
C ALA B 486 20.91 12.46 -13.50
N LEU B 487 20.99 11.33 -12.80
CA LEU B 487 20.64 10.04 -13.38
C LEU B 487 19.20 10.05 -13.91
N ASN B 488 18.26 10.50 -13.08
CA ASN B 488 16.86 10.41 -13.46
C ASN B 488 16.42 11.54 -14.36
N THR B 489 17.19 12.62 -14.47
CA THR B 489 16.95 13.60 -15.51
C THR B 489 17.47 13.09 -16.85
N ALA B 490 18.57 12.33 -16.84
CA ALA B 490 19.01 11.65 -18.06
C ALA B 490 17.98 10.63 -18.50
N ARG B 491 17.42 9.87 -17.56
CA ARG B 491 16.40 8.88 -17.88
C ARG B 491 15.01 9.52 -17.97
N GLN B 492 14.88 10.59 -18.75
CA GLN B 492 13.61 11.30 -18.87
C GLN B 492 13.05 11.30 -20.29
N GLU B 493 13.85 11.69 -21.27
CA GLU B 493 13.42 11.74 -22.67
C GLU B 493 14.05 10.63 -23.49
N TYR B 494 14.72 9.67 -22.87
CA TYR B 494 15.40 8.60 -23.57
C TYR B 494 15.24 7.30 -22.81
N HIS B 495 15.44 6.19 -23.51
CA HIS B 495 15.35 4.87 -22.92
C HIS B 495 16.74 4.24 -22.87
N TRP B 496 17.08 3.66 -21.73
CA TRP B 496 18.36 3.00 -21.53
C TRP B 496 18.11 1.59 -21.02
N GLU B 497 18.77 0.60 -21.63
CA GLU B 497 18.64 -0.77 -21.22
C GLU B 497 19.89 -1.34 -20.55
N ARG B 498 20.97 -0.56 -20.45
CA ARG B 498 22.18 -1.00 -19.78
C ARG B 498 22.96 0.21 -19.28
N ILE B 499 23.40 0.13 -18.03
CA ILE B 499 24.22 1.18 -17.42
C ILE B 499 25.51 0.55 -16.91
N HIS B 500 26.63 1.22 -17.16
CA HIS B 500 27.95 0.70 -16.81
C HIS B 500 28.73 1.76 -16.05
N LEU B 501 29.02 1.49 -14.78
CA LEU B 501 29.80 2.42 -13.97
C LEU B 501 31.30 2.28 -14.21
N PHE B 502 31.95 3.43 -14.37
CA PHE B 502 33.41 3.55 -14.36
C PHE B 502 33.69 4.75 -13.46
N GLN B 503 33.77 4.50 -12.16
CA GLN B 503 33.71 5.57 -11.18
C GLN B 503 34.84 5.45 -10.17
N THR B 504 35.33 6.59 -9.74
CA THR B 504 36.22 6.71 -8.59
C THR B 504 35.58 7.69 -7.61
N ALA B 505 35.57 7.31 -6.34
CA ALA B 505 34.83 8.05 -5.31
C ALA B 505 35.20 7.47 -3.96
N PRO B 506 34.90 8.17 -2.86
CA PRO B 506 35.08 7.58 -1.53
C PRO B 506 34.22 6.34 -1.36
N THR B 507 34.72 5.41 -0.55
CA THR B 507 34.00 4.17 -0.26
C THR B 507 32.60 4.46 0.26
N ALA B 508 32.48 5.48 1.10
CA ALA B 508 31.20 5.83 1.70
C ALA B 508 30.18 6.22 0.64
N LEU B 509 30.58 7.03 -0.33
CA LEU B 509 29.60 7.54 -1.30
C LEU B 509 29.20 6.45 -2.29
N CYS B 510 30.14 5.57 -2.68
CA CYS B 510 29.77 4.44 -3.51
C CYS B 510 28.82 3.50 -2.77
N MET B 511 29.08 3.28 -1.48
CA MET B 511 28.18 2.49 -0.66
C MET B 511 26.77 3.10 -0.67
N ALA B 512 26.69 4.41 -0.43
CA ALA B 512 25.39 5.07 -0.40
C ALA B 512 24.72 5.09 -1.78
N LEU B 513 25.51 5.14 -2.85
CA LEU B 513 24.95 5.12 -4.19
C LEU B 513 24.36 3.75 -4.51
N GLY B 514 25.05 2.68 -4.09
CA GLY B 514 24.46 1.37 -4.18
C GLY B 514 23.22 1.23 -3.33
N ILE B 515 23.19 1.93 -2.19
CA ILE B 515 21.98 1.97 -1.36
C ILE B 515 20.83 2.62 -2.12
N ALA B 516 21.10 3.75 -2.79
CA ALA B 516 20.04 4.56 -3.38
C ALA B 516 19.57 4.00 -4.72
N VAL B 517 20.48 3.94 -5.71
CA VAL B 517 20.11 3.45 -7.03
C VAL B 517 19.68 1.99 -6.94
N GLY B 518 20.46 1.19 -6.23
CA GLY B 518 20.06 -0.19 -5.98
C GLY B 518 20.09 -1.06 -7.22
N HIS B 519 19.29 -2.12 -7.16
CA HIS B 519 19.27 -3.16 -8.18
C HIS B 519 18.26 -2.91 -9.28
N PHE B 520 17.53 -1.79 -9.23
CA PHE B 520 16.42 -1.58 -10.15
C PHE B 520 16.91 -1.34 -11.57
N LEU B 521 17.86 -0.46 -11.74
CA LEU B 521 18.31 -0.14 -13.09
C LEU B 521 19.24 -1.22 -13.61
N PRO B 522 19.26 -1.47 -14.93
CA PRO B 522 20.20 -2.46 -15.46
C PRO B 522 21.61 -1.91 -15.39
N VAL B 523 22.37 -2.35 -14.39
CA VAL B 523 23.60 -1.69 -13.99
C VAL B 523 24.68 -2.72 -13.76
N ASP B 524 25.77 -2.63 -14.52
CA ASP B 524 26.94 -3.50 -14.39
C ASP B 524 28.14 -2.64 -14.04
N VAL B 525 28.63 -2.75 -12.81
CA VAL B 525 29.81 -2.00 -12.38
C VAL B 525 31.06 -2.74 -12.79
N TYR B 526 31.99 -2.01 -13.40
CA TYR B 526 33.25 -2.57 -13.88
C TYR B 526 34.37 -2.02 -13.00
N HIS B 527 34.89 -2.87 -12.12
CA HIS B 527 35.98 -2.45 -11.23
C HIS B 527 37.24 -2.14 -12.02
N TYR B 528 37.95 -1.08 -11.63
CA TYR B 528 39.17 -0.67 -12.30
C TYR B 528 40.34 -0.79 -11.33
N GLN B 529 41.45 -1.33 -11.84
CA GLN B 529 42.67 -1.49 -11.05
C GLN B 529 43.73 -0.47 -11.49
N TYR B 537 38.85 -3.36 -15.39
CA TYR B 537 37.63 -3.04 -16.13
C TYR B 537 36.85 -4.32 -16.42
N ARG B 538 36.24 -4.88 -15.37
CA ARG B 538 35.54 -6.16 -15.48
C ARG B 538 34.22 -6.10 -14.73
N CYS B 539 33.18 -6.65 -15.34
CA CYS B 539 31.85 -6.69 -14.74
C CYS B 539 31.89 -7.72 -13.61
N VAL B 540 32.41 -7.28 -12.46
CA VAL B 540 32.51 -8.15 -11.30
C VAL B 540 31.14 -8.52 -10.76
N PHE B 541 30.16 -7.64 -10.92
CA PHE B 541 28.78 -7.95 -10.56
C PHE B 541 27.86 -7.07 -11.38
N SER B 542 26.60 -7.49 -11.48
CA SER B 542 25.56 -6.70 -12.12
C SER B 542 24.46 -6.45 -11.11
N LEU B 543 24.03 -5.19 -11.00
CA LEU B 543 23.09 -4.79 -9.96
C LEU B 543 21.76 -5.53 -10.10
N ASP B 544 21.27 -5.69 -11.33
CA ASP B 544 20.05 -6.46 -11.52
C ASP B 544 20.22 -7.91 -11.11
N LYS B 545 21.46 -8.42 -11.06
CA LYS B 545 21.73 -9.76 -10.60
C LYS B 545 22.09 -9.83 -9.11
N MET B 546 21.99 -8.70 -8.40
CA MET B 546 22.25 -8.71 -6.96
C MET B 546 21.28 -9.63 -6.23
N LEU B 547 19.99 -9.54 -6.57
CA LEU B 547 18.99 -10.38 -5.95
C LEU B 547 18.69 -11.59 -6.83
N THR C 263 -43.80 2.92 10.12
CA THR C 263 -42.53 3.15 9.47
C THR C 263 -41.62 1.92 9.59
N ILE C 264 -42.10 0.80 9.09
CA ILE C 264 -41.35 -0.46 9.21
C ILE C 264 -40.09 -0.38 8.35
N PRO C 265 -38.93 -0.76 8.89
CA PRO C 265 -37.72 -0.77 8.07
C PRO C 265 -37.82 -1.75 6.92
N LEU C 266 -37.18 -1.39 5.80
CA LEU C 266 -37.11 -2.26 4.63
C LEU C 266 -35.84 -1.93 3.85
N PRO C 267 -34.70 -2.46 4.28
CA PRO C 267 -33.43 -2.16 3.61
C PRO C 267 -33.22 -3.05 2.39
N VAL C 268 -33.30 -2.44 1.21
CA VAL C 268 -33.13 -3.16 -0.05
C VAL C 268 -31.79 -2.74 -0.65
N ILE C 269 -30.98 -3.73 -1.01
CA ILE C 269 -29.64 -3.50 -1.54
C ILE C 269 -29.47 -4.29 -2.83
N GLN C 270 -28.93 -3.63 -3.85
CA GLN C 270 -28.59 -4.28 -5.10
C GLN C 270 -27.12 -4.65 -5.10
N TYR C 271 -26.81 -5.91 -5.36
CA TYR C 271 -25.45 -6.38 -5.44
C TYR C 271 -25.31 -7.37 -6.59
N GLN C 272 -24.08 -7.50 -7.09
CA GLN C 272 -23.77 -8.43 -8.16
C GLN C 272 -22.36 -8.96 -7.91
N GLY C 273 -22.26 -10.16 -7.35
CA GLY C 273 -20.97 -10.74 -7.03
C GLY C 273 -21.09 -11.96 -6.17
N GLU C 274 -20.11 -12.15 -5.29
CA GLU C 274 -20.09 -13.28 -4.38
C GLU C 274 -21.08 -13.08 -3.24
N GLU C 275 -21.55 -14.20 -2.69
CA GLU C 275 -22.56 -14.14 -1.64
C GLU C 275 -21.98 -13.64 -0.32
N ASN C 276 -20.68 -13.86 -0.08
CA ASN C 276 -20.09 -13.45 1.19
C ASN C 276 -19.95 -11.93 1.28
N GLU C 277 -19.52 -11.29 0.19
CA GLU C 277 -19.49 -9.83 0.16
C GLU C 277 -20.90 -9.27 0.25
N LEU C 278 -21.89 -9.97 -0.32
CA LEU C 278 -23.27 -9.56 -0.17
C LEU C 278 -23.70 -9.61 1.29
N LYS C 279 -23.31 -10.66 2.02
CA LYS C 279 -23.63 -10.75 3.43
C LYS C 279 -22.94 -9.65 4.24
N ARG C 280 -21.69 -9.32 3.89
CA ARG C 280 -20.99 -8.24 4.57
C ARG C 280 -21.71 -6.90 4.34
N TRP C 281 -22.09 -6.62 3.10
CA TRP C 281 -22.83 -5.41 2.78
C TRP C 281 -24.15 -5.37 3.52
N GLN C 282 -24.83 -6.52 3.60
CA GLN C 282 -26.09 -6.60 4.30
C GLN C 282 -25.92 -6.29 5.79
N LYS C 283 -24.86 -6.82 6.40
CA LYS C 283 -24.61 -6.55 7.82
C LYS C 283 -24.36 -5.06 8.05
N ALA C 284 -23.59 -4.43 7.16
CA ALA C 284 -23.37 -2.99 7.27
C ALA C 284 -24.69 -2.22 7.18
N MET C 285 -25.54 -2.60 6.22
CA MET C 285 -26.83 -1.95 6.07
C MET C 285 -27.71 -2.19 7.30
N GLU C 286 -27.62 -3.38 7.88
CA GLU C 286 -28.36 -3.69 9.10
C GLU C 286 -27.94 -2.79 10.24
N GLN C 287 -26.64 -2.55 10.39
CA GLN C 287 -26.17 -1.62 11.41
C GLN C 287 -26.67 -0.21 11.14
N LYS C 288 -26.75 0.17 9.86
CA LYS C 288 -27.23 1.50 9.52
C LYS C 288 -28.70 1.68 9.88
N VAL C 289 -29.52 0.66 9.66
CA VAL C 289 -30.88 0.72 10.18
C VAL C 289 -30.89 0.71 11.70
N GLN C 290 -29.99 -0.05 12.31
CA GLN C 290 -30.02 -0.23 13.76
C GLN C 290 -29.71 1.06 14.50
N GLU C 291 -28.83 1.90 13.95
CA GLU C 291 -28.57 3.14 14.68
C GLU C 291 -29.70 4.14 14.51
N LYS C 292 -30.67 3.87 13.62
CA LYS C 292 -31.89 4.64 13.49
C LYS C 292 -33.13 3.90 13.98
N PHE C 293 -33.15 2.57 13.84
CA PHE C 293 -34.20 1.72 14.39
C PHE C 293 -33.50 0.57 15.12
N SER C 294 -33.29 0.74 16.42
CA SER C 294 -32.50 -0.23 17.19
C SER C 294 -33.19 -1.59 17.25
N TRP C 295 -34.51 -1.62 17.22
CA TRP C 295 -35.24 -2.86 17.38
C TRP C 295 -35.18 -3.75 16.13
N PHE C 296 -34.69 -3.23 15.01
CA PHE C 296 -34.65 -3.99 13.77
C PHE C 296 -33.40 -4.86 13.72
N SER C 297 -33.56 -6.04 13.12
CA SER C 297 -32.43 -6.91 12.82
C SER C 297 -32.79 -7.80 11.64
N TYR C 298 -31.77 -8.43 11.05
CA TYR C 298 -32.03 -9.31 9.92
C TYR C 298 -32.75 -10.58 10.34
N GLU C 299 -32.36 -11.14 11.50
CA GLU C 299 -33.16 -12.21 12.08
C GLU C 299 -34.56 -11.72 12.39
N LEU C 300 -34.68 -10.48 12.87
CA LEU C 300 -36.00 -9.89 13.09
C LEU C 300 -36.77 -9.75 11.77
N LEU C 301 -36.09 -9.32 10.71
CA LEU C 301 -36.75 -9.17 9.42
C LEU C 301 -37.25 -10.52 8.89
N GLU C 302 -36.43 -11.57 9.04
CA GLU C 302 -36.86 -12.90 8.65
C GLU C 302 -37.84 -13.52 9.63
N ASP C 303 -38.02 -12.93 10.81
CA ASP C 303 -38.94 -13.48 11.80
C ASP C 303 -40.34 -12.88 11.70
N PHE C 304 -40.47 -11.57 11.90
CA PHE C 304 -41.80 -10.97 11.88
C PHE C 304 -42.39 -10.94 10.48
N TYR C 305 -41.61 -10.49 9.50
CA TYR C 305 -42.10 -10.38 8.14
C TYR C 305 -41.77 -11.60 7.30
N GLY C 306 -40.68 -12.30 7.60
CA GLY C 306 -40.23 -13.41 6.80
C GLY C 306 -39.42 -13.03 5.59
N ILE C 307 -39.19 -11.74 5.35
CA ILE C 307 -38.38 -11.31 4.23
C ILE C 307 -36.93 -11.65 4.54
N THR C 308 -36.42 -12.70 3.91
CA THR C 308 -35.07 -13.17 4.16
C THR C 308 -34.06 -12.33 3.38
N ASN C 309 -32.79 -12.45 3.78
CA ASN C 309 -31.76 -11.53 3.31
C ASN C 309 -31.59 -11.56 1.80
N SER C 310 -31.86 -12.68 1.15
CA SER C 310 -31.79 -12.72 -0.30
C SER C 310 -32.98 -11.98 -0.93
N ASP C 311 -34.12 -11.97 -0.25
CA ASP C 311 -35.29 -11.26 -0.78
C ASP C 311 -35.04 -9.76 -0.84
N LEU C 312 -34.41 -9.20 0.20
CA LEU C 312 -34.05 -7.78 0.18
C LEU C 312 -32.81 -7.50 -0.65
N ALA C 313 -32.24 -8.52 -1.29
CA ALA C 313 -31.03 -8.36 -2.10
C ALA C 313 -31.40 -8.49 -3.57
N ILE C 314 -31.20 -7.41 -4.33
CA ILE C 314 -31.29 -7.48 -5.78
C ILE C 314 -29.96 -8.07 -6.23
N PHE C 315 -29.92 -9.38 -6.42
CA PHE C 315 -28.68 -10.13 -6.46
C PHE C 315 -28.52 -10.87 -7.79
N GLY C 316 -27.27 -10.96 -8.23
CA GLY C 316 -26.90 -11.77 -9.38
C GLY C 316 -25.48 -12.26 -9.24
N ASN C 317 -25.28 -13.57 -9.42
CA ASN C 317 -23.96 -14.15 -9.25
C ASN C 317 -23.02 -13.66 -10.35
N GLY C 318 -21.75 -13.46 -9.97
CA GLY C 318 -20.77 -12.99 -10.93
C GLY C 318 -21.03 -11.54 -11.35
N ILE C 319 -20.61 -11.25 -12.57
CA ILE C 319 -20.78 -9.93 -13.17
C ILE C 319 -21.98 -9.98 -14.11
N LEU C 320 -22.84 -8.96 -14.05
CA LEU C 320 -23.98 -8.87 -14.94
C LEU C 320 -23.50 -8.77 -16.38
N PRO C 321 -23.92 -9.67 -17.26
CA PRO C 321 -23.44 -9.62 -18.66
C PRO C 321 -23.93 -8.36 -19.37
N PHE C 322 -23.10 -7.90 -20.31
CA PHE C 322 -23.38 -6.67 -21.04
C PHE C 322 -24.24 -6.91 -22.27
N GLU C 323 -25.36 -7.60 -22.05
CA GLU C 323 -26.38 -7.82 -23.06
C GLU C 323 -27.69 -7.24 -22.55
N ALA C 324 -28.44 -6.59 -23.44
CA ALA C 324 -29.63 -5.87 -23.01
C ALA C 324 -30.66 -6.81 -22.42
N ASN C 325 -30.82 -8.00 -23.01
CA ASN C 325 -31.75 -8.99 -22.47
C ASN C 325 -31.47 -9.30 -21.01
N ALA C 326 -30.20 -9.26 -20.60
CA ALA C 326 -29.87 -9.47 -19.20
C ALA C 326 -30.43 -8.36 -18.32
N TRP C 327 -30.30 -7.10 -18.74
CA TRP C 327 -30.83 -6.00 -17.95
C TRP C 327 -32.34 -6.04 -17.87
N GLN C 328 -33.02 -6.31 -18.99
CA GLN C 328 -34.46 -6.45 -18.96
C GLN C 328 -34.91 -7.63 -18.09
N LYS C 329 -34.20 -8.75 -18.16
CA LYS C 329 -34.54 -9.89 -17.32
C LYS C 329 -34.35 -9.58 -15.84
N LEU C 330 -33.26 -8.88 -15.50
CA LEU C 330 -33.02 -8.50 -14.12
C LEU C 330 -34.09 -7.53 -13.62
N LEU C 331 -34.49 -6.58 -14.46
CA LEU C 331 -35.47 -5.60 -14.03
C LEU C 331 -36.86 -6.21 -13.91
N GLN C 332 -37.24 -7.09 -14.84
CA GLN C 332 -38.61 -7.60 -14.86
C GLN C 332 -38.79 -8.78 -13.90
N GLU C 333 -37.83 -9.72 -13.87
CA GLU C 333 -37.98 -10.90 -13.04
C GLU C 333 -37.95 -10.55 -11.56
N GLN C 334 -37.06 -9.64 -11.16
CA GLN C 334 -36.90 -9.31 -9.75
C GLN C 334 -37.27 -7.87 -9.45
N VAL C 335 -36.64 -6.89 -10.12
CA VAL C 335 -36.71 -5.50 -9.70
C VAL C 335 -38.12 -4.94 -9.83
N LYS C 336 -38.82 -5.27 -10.92
CA LYS C 336 -40.17 -4.75 -11.13
C LYS C 336 -41.11 -5.21 -10.03
N ASP C 337 -40.99 -6.47 -9.61
CA ASP C 337 -41.80 -6.99 -8.52
C ASP C 337 -41.14 -6.84 -7.15
N LYS C 338 -39.91 -6.32 -7.09
CA LYS C 338 -39.23 -6.20 -5.80
C LYS C 338 -39.84 -5.09 -4.96
N PHE C 339 -39.77 -3.86 -5.43
CA PHE C 339 -40.24 -2.71 -4.66
C PHE C 339 -41.75 -2.67 -4.51
N LYS C 340 -42.49 -3.48 -5.27
CA LYS C 340 -43.94 -3.50 -5.18
C LYS C 340 -44.44 -4.60 -4.25
N LEU C 341 -44.01 -5.85 -4.49
CA LEU C 341 -44.53 -6.97 -3.69
C LEU C 341 -43.97 -6.96 -2.28
N LEU C 342 -42.76 -6.45 -2.08
CA LEU C 342 -42.19 -6.39 -0.74
C LEU C 342 -42.92 -5.40 0.16
N GLU C 343 -43.69 -4.47 -0.42
CA GLU C 343 -44.46 -3.53 0.37
C GLU C 343 -45.69 -4.19 0.98
N LYS C 350 -47.45 -0.08 7.22
CA LYS C 350 -46.55 0.95 6.71
C LYS C 350 -45.14 0.41 6.56
N VAL C 351 -44.32 1.11 5.79
CA VAL C 351 -42.94 0.69 5.56
C VAL C 351 -42.16 1.87 4.99
N LEU C 352 -40.89 1.97 5.36
CA LEU C 352 -39.97 2.96 4.82
C LEU C 352 -38.75 2.23 4.30
N TRP C 353 -38.34 2.54 3.07
CA TRP C 353 -37.26 1.84 2.39
C TRP C 353 -35.95 2.63 2.57
N PHE C 354 -34.92 1.94 3.04
CA PHE C 354 -33.55 2.44 2.96
C PHE C 354 -32.87 1.71 1.82
N TYR C 355 -32.45 2.45 0.81
CA TYR C 355 -31.86 1.85 -0.38
C TYR C 355 -30.42 2.31 -0.57
N ALA C 356 -29.55 1.35 -0.88
CA ALA C 356 -28.22 1.62 -1.40
C ALA C 356 -27.83 0.43 -2.25
N GLY C 357 -27.33 0.70 -3.47
CA GLY C 357 -27.07 -0.35 -4.42
C GLY C 357 -25.64 -0.30 -4.93
N GLN C 358 -25.26 -1.36 -5.64
CA GLN C 358 -23.93 -1.47 -6.22
C GLN C 358 -23.83 -0.73 -7.55
N ILE C 359 -24.62 -1.15 -8.54
CA ILE C 359 -24.55 -0.59 -9.87
C ILE C 359 -25.26 0.76 -9.87
N SER C 360 -24.55 1.81 -10.29
CA SER C 360 -25.13 3.15 -10.33
C SER C 360 -26.25 3.25 -11.36
N THR C 361 -26.04 2.66 -12.53
CA THR C 361 -27.04 2.78 -13.60
C THR C 361 -28.29 1.97 -13.30
N LEU C 362 -28.15 0.81 -12.63
CA LEU C 362 -29.30 -0.01 -12.32
C LEU C 362 -30.24 0.65 -11.32
N GLN C 363 -29.76 1.63 -10.56
CA GLN C 363 -30.64 2.36 -9.65
C GLN C 363 -31.63 3.22 -10.42
N LEU C 364 -31.28 3.65 -11.63
CA LEU C 364 -32.21 4.41 -12.45
C LEU C 364 -33.45 3.60 -12.77
N GLY C 365 -33.27 2.35 -13.18
CA GLY C 365 -34.41 1.47 -13.38
C GLY C 365 -35.07 1.10 -12.06
N ILE C 366 -34.28 0.94 -11.00
CA ILE C 366 -34.83 0.57 -9.70
C ILE C 366 -35.69 1.69 -9.14
N GLY C 367 -35.21 2.94 -9.25
CA GLY C 367 -36.00 4.06 -8.77
C GLY C 367 -37.26 4.27 -9.56
N ALA C 368 -37.19 4.10 -10.88
CA ALA C 368 -38.37 4.29 -11.74
C ALA C 368 -39.45 3.28 -11.45
N LEU C 369 -39.09 2.12 -10.91
CA LEU C 369 -40.06 1.10 -10.54
C LEU C 369 -40.36 1.16 -9.05
N VAL C 376 -38.64 8.33 1.33
CA VAL C 376 -37.92 7.11 1.66
C VAL C 376 -36.43 7.41 1.82
N SER C 377 -35.77 6.66 2.70
CA SER C 377 -34.38 6.92 3.05
C SER C 377 -33.47 6.24 2.04
N ILE C 378 -32.78 7.03 1.24
CA ILE C 378 -31.80 6.52 0.30
C ILE C 378 -30.42 6.88 0.83
N LEU C 379 -29.62 5.87 1.11
CA LEU C 379 -28.35 5.98 1.81
C LEU C 379 -27.17 5.83 0.84
N GLN C 380 -26.02 6.34 1.28
CA GLN C 380 -24.77 6.13 0.57
C GLN C 380 -23.69 5.84 1.59
N MET C 381 -22.82 4.87 1.27
CA MET C 381 -21.83 4.39 2.23
C MET C 381 -20.68 5.38 2.35
N GLU C 382 -20.37 5.75 3.60
CA GLU C 382 -19.15 6.49 3.91
C GLU C 382 -18.12 5.49 4.40
N PHE C 383 -17.01 5.39 3.67
CA PHE C 383 -16.10 4.26 3.82
C PHE C 383 -15.04 4.46 4.89
N SER C 384 -14.82 5.69 5.37
CA SER C 384 -13.82 5.90 6.40
C SER C 384 -14.19 5.20 7.70
N ASN C 385 -15.40 5.45 8.19
CA ASN C 385 -15.96 4.71 9.31
C ASN C 385 -16.74 3.49 8.86
N THR C 386 -16.87 3.29 7.54
CA THR C 386 -17.52 2.13 6.95
C THR C 386 -18.96 1.97 7.44
N THR C 387 -19.78 2.97 7.10
CA THR C 387 -21.21 2.92 7.35
C THR C 387 -21.88 3.89 6.39
N TYR C 388 -23.17 3.67 6.14
CA TYR C 388 -23.91 4.49 5.20
C TYR C 388 -24.29 5.83 5.84
N HIS C 389 -25.00 6.65 5.07
CA HIS C 389 -25.55 7.91 5.53
C HIS C 389 -26.77 8.24 4.70
N GLU C 390 -27.88 8.55 5.37
CA GLU C 390 -29.13 8.83 4.66
C GLU C 390 -29.05 10.16 3.93
N VAL C 391 -28.66 10.14 2.66
CA VAL C 391 -28.54 11.36 1.89
C VAL C 391 -29.84 11.81 1.26
N PHE C 392 -30.84 10.94 1.19
CA PHE C 392 -32.17 11.34 0.74
C PHE C 392 -33.21 10.89 1.75
N ILE C 393 -34.09 11.79 2.15
CA ILE C 393 -35.17 11.47 3.08
C ILE C 393 -36.52 11.79 2.45
N LYS C 427 -34.46 18.01 -35.06
CA LYS C 427 -34.17 16.79 -34.30
C LYS C 427 -34.73 16.90 -32.88
N ASN C 428 -35.35 15.83 -32.42
CA ASN C 428 -35.95 15.77 -31.09
C ASN C 428 -35.27 14.71 -30.22
N GLU C 429 -33.96 14.58 -30.37
CA GLU C 429 -33.16 13.66 -29.58
C GLU C 429 -32.05 14.43 -28.88
N LEU C 430 -31.90 14.23 -27.58
CA LEU C 430 -30.91 14.93 -26.79
C LEU C 430 -30.24 13.98 -25.84
N GLY C 431 -29.00 14.32 -25.47
CA GLY C 431 -28.28 13.55 -24.48
C GLY C 431 -28.32 14.14 -23.10
N PHE C 432 -29.18 13.62 -22.23
CA PHE C 432 -29.19 14.03 -20.84
C PHE C 432 -27.91 13.55 -20.19
N ILE C 433 -27.16 14.48 -19.61
CA ILE C 433 -25.82 14.21 -19.10
C ILE C 433 -25.75 14.63 -17.65
N ILE C 434 -25.27 13.72 -16.80
CA ILE C 434 -25.05 13.98 -15.39
C ILE C 434 -23.65 13.50 -15.04
N TYR C 435 -22.85 14.36 -14.43
CA TYR C 435 -21.52 14.00 -13.94
C TYR C 435 -21.44 14.47 -12.49
N LEU C 436 -21.72 13.58 -11.55
CA LEU C 436 -21.61 13.90 -10.14
C LEU C 436 -20.77 12.89 -9.37
N GLY C 437 -20.23 11.88 -10.03
CA GLY C 437 -19.26 10.97 -9.44
C GLY C 437 -17.86 11.50 -9.61
N SER C 438 -16.89 10.58 -9.67
CA SER C 438 -15.50 10.94 -9.88
C SER C 438 -14.92 10.22 -11.10
N HIS C 439 -15.75 9.93 -12.09
CA HIS C 439 -15.31 9.30 -13.34
C HIS C 439 -16.07 9.95 -14.49
N ASN C 440 -15.47 11.01 -15.04
CA ASN C 440 -16.10 11.88 -16.05
C ASN C 440 -16.59 11.08 -17.25
N PRO C 441 -17.90 10.98 -17.45
CA PRO C 441 -18.44 10.32 -18.64
C PRO C 441 -18.72 11.25 -19.80
N ILE C 442 -18.30 12.52 -19.73
CA ILE C 442 -18.70 13.51 -20.73
C ILE C 442 -18.12 13.14 -22.08
N GLY C 443 -16.81 12.86 -22.12
CA GLY C 443 -16.18 12.52 -23.39
C GLY C 443 -16.70 11.21 -23.95
N GLU C 444 -16.82 10.19 -23.11
CA GLU C 444 -17.26 8.88 -23.59
C GLU C 444 -18.70 8.91 -24.07
N ALA C 445 -19.59 9.51 -23.28
CA ALA C 445 -21.00 9.56 -23.69
C ALA C 445 -21.19 10.48 -24.90
N LYS C 446 -20.44 11.58 -24.96
CA LYS C 446 -20.54 12.47 -26.12
C LYS C 446 -20.06 11.78 -27.39
N ALA C 447 -18.94 11.05 -27.30
CA ALA C 447 -18.45 10.31 -28.46
C ALA C 447 -19.42 9.22 -28.86
N TYR C 448 -20.02 8.53 -27.89
CA TYR C 448 -21.01 7.50 -28.21
C TYR C 448 -22.23 8.12 -28.89
N CYS C 449 -22.68 9.28 -28.41
CA CYS C 449 -23.80 9.97 -29.05
C CYS C 449 -23.46 10.36 -30.49
N GLN C 450 -22.29 10.97 -30.68
CA GLN C 450 -21.93 11.48 -32.00
C GLN C 450 -21.70 10.34 -32.99
N LYS C 451 -21.08 9.25 -32.55
CA LYS C 451 -20.68 8.19 -33.46
C LYS C 451 -21.76 7.13 -33.66
N GLN C 452 -22.63 6.90 -32.68
CA GLN C 452 -23.60 5.82 -32.76
C GLN C 452 -25.03 6.31 -32.90
N LEU C 453 -25.50 7.15 -31.96
CA LEU C 453 -26.89 7.57 -31.95
C LEU C 453 -27.13 8.88 -32.69
N GLN C 454 -26.07 9.54 -33.19
CA GLN C 454 -26.16 10.77 -33.97
C GLN C 454 -26.91 11.87 -33.19
N ILE C 455 -26.32 12.26 -32.07
CA ILE C 455 -26.89 13.27 -31.19
C ILE C 455 -25.92 14.45 -31.11
N ASN C 456 -26.48 15.66 -31.18
CA ASN C 456 -25.69 16.88 -31.05
C ASN C 456 -26.18 17.83 -29.97
N ASN C 457 -27.37 17.61 -29.41
CA ASN C 457 -27.90 18.44 -28.35
C ASN C 457 -27.78 17.70 -27.02
N PHE C 458 -27.37 18.42 -25.98
CA PHE C 458 -27.07 17.81 -24.70
C PHE C 458 -27.67 18.64 -23.57
N LEU C 459 -27.90 17.98 -22.44
CA LEU C 459 -28.27 18.65 -21.18
C LEU C 459 -27.30 18.14 -20.12
N ILE C 460 -26.31 18.95 -19.77
CA ILE C 460 -25.27 18.55 -18.84
C ILE C 460 -25.66 18.98 -17.44
N ILE C 461 -25.57 18.06 -16.50
CA ILE C 461 -25.80 18.33 -15.08
C ILE C 461 -24.51 18.03 -14.34
N GLN C 462 -24.02 19.01 -13.59
CA GLN C 462 -22.73 18.88 -12.93
C GLN C 462 -22.72 19.58 -11.58
N GLU C 465 -18.95 23.71 -7.89
CA GLU C 465 -19.41 23.01 -6.70
C GLU C 465 -18.32 22.10 -6.15
N ASN C 466 -18.72 21.07 -5.40
CA ASN C 466 -17.82 20.07 -4.86
C ASN C 466 -18.06 18.78 -5.64
N GLN C 467 -17.18 18.51 -6.60
CA GLN C 467 -17.36 17.39 -7.53
C GLN C 467 -16.45 16.24 -7.13
N GLY C 468 -17.01 15.04 -7.07
CA GLY C 468 -16.30 13.88 -6.59
C GLY C 468 -16.41 13.67 -5.10
N VAL C 469 -16.73 14.73 -4.34
CA VAL C 469 -17.12 14.61 -2.95
C VAL C 469 -18.42 15.36 -2.79
N MET C 470 -19.49 14.65 -2.47
CA MET C 470 -20.76 15.24 -2.12
C MET C 470 -21.04 14.88 -0.67
N GLU C 471 -21.39 15.89 0.14
CA GLU C 471 -21.28 15.79 1.59
C GLU C 471 -22.25 14.75 2.13
N THR C 472 -21.75 13.55 2.39
CA THR C 472 -22.58 12.45 2.85
C THR C 472 -22.78 12.53 4.35
N SER C 473 -23.21 13.70 4.83
CA SER C 473 -23.62 13.89 6.21
C SER C 473 -24.82 14.82 6.29
N GLN C 474 -25.52 15.01 5.18
CA GLN C 474 -26.61 15.97 5.07
C GLN C 474 -27.61 15.42 4.07
N ASN C 475 -28.48 16.30 3.56
CA ASN C 475 -29.48 15.91 2.56
C ASN C 475 -28.97 16.25 1.16
N TRP C 476 -29.11 15.30 0.25
CA TRP C 476 -28.80 15.50 -1.16
C TRP C 476 -30.02 15.97 -1.96
N LEU C 477 -31.13 16.24 -1.29
CA LEU C 477 -32.34 16.71 -1.97
C LEU C 477 -32.13 17.95 -2.84
N PRO C 478 -31.31 18.94 -2.47
CA PRO C 478 -31.04 20.04 -3.41
C PRO C 478 -30.50 19.57 -4.77
N TYR C 479 -29.65 18.54 -4.78
CA TYR C 479 -29.11 18.05 -6.04
C TYR C 479 -30.21 17.52 -6.96
N LEU C 480 -31.05 16.63 -6.43
CA LEU C 480 -32.14 16.06 -7.22
C LEU C 480 -33.15 17.11 -7.61
N GLN C 481 -33.43 18.06 -6.72
CA GLN C 481 -34.38 19.12 -7.05
C GLN C 481 -33.85 20.01 -8.16
N GLU C 482 -32.55 20.34 -8.13
CA GLU C 482 -31.95 21.12 -9.20
C GLU C 482 -31.96 20.36 -10.52
N ILE C 483 -31.69 19.06 -10.47
CA ILE C 483 -31.71 18.25 -11.69
C ILE C 483 -33.11 18.21 -12.27
N ASN C 484 -34.11 18.01 -11.42
CA ASN C 484 -35.50 18.01 -11.87
C ASN C 484 -35.89 19.35 -12.48
N SER C 485 -35.49 20.45 -11.83
CA SER C 485 -35.81 21.77 -12.35
C SER C 485 -35.16 22.01 -13.71
N ALA C 486 -33.89 21.62 -13.86
CA ALA C 486 -33.21 21.80 -15.15
C ALA C 486 -33.85 20.95 -16.24
N LEU C 487 -34.18 19.69 -15.93
CA LEU C 487 -34.81 18.81 -16.91
C LEU C 487 -36.17 19.34 -17.33
N ASN C 488 -36.98 19.80 -16.36
CA ASN C 488 -38.29 20.33 -16.68
C ASN C 488 -38.19 21.62 -17.48
N THR C 489 -37.20 22.47 -17.15
CA THR C 489 -37.00 23.69 -17.93
C THR C 489 -36.62 23.38 -19.36
N ALA C 490 -35.73 22.40 -19.56
CA ALA C 490 -35.38 21.99 -20.92
C ALA C 490 -36.58 21.42 -21.66
N ARG C 491 -37.42 20.64 -20.96
CA ARG C 491 -38.62 20.09 -21.59
C ARG C 491 -39.60 21.19 -21.99
N GLN C 492 -39.77 22.20 -21.14
CA GLN C 492 -40.64 23.32 -21.49
C GLN C 492 -40.08 24.10 -22.68
N GLU C 493 -38.76 24.33 -22.70
CA GLU C 493 -38.16 25.09 -23.78
C GLU C 493 -38.22 24.33 -25.10
N TYR C 494 -37.81 23.06 -25.10
CA TYR C 494 -37.77 22.25 -26.30
C TYR C 494 -38.46 20.92 -26.05
N HIS C 495 -39.30 20.51 -26.99
CA HIS C 495 -39.93 19.19 -26.91
C HIS C 495 -38.91 18.10 -27.20
N TRP C 496 -38.89 17.06 -26.37
CA TRP C 496 -37.94 15.97 -26.52
C TRP C 496 -38.72 14.66 -26.63
N GLU C 497 -38.80 14.13 -27.87
CA GLU C 497 -39.45 12.85 -28.07
C GLU C 497 -38.66 11.71 -27.42
N ARG C 498 -37.33 11.78 -27.50
CA ARG C 498 -36.46 10.74 -26.93
C ARG C 498 -35.24 11.44 -26.32
N ILE C 499 -35.14 11.39 -25.00
CA ILE C 499 -34.05 12.01 -24.27
C ILE C 499 -33.14 10.89 -23.77
N HIS C 500 -31.85 10.97 -24.11
CA HIS C 500 -30.90 9.91 -23.85
C HIS C 500 -30.09 10.26 -22.62
N LEU C 501 -30.08 9.37 -21.62
CA LEU C 501 -29.54 9.68 -20.32
C LEU C 501 -28.27 8.89 -20.07
N PHE C 502 -27.20 9.59 -19.70
CA PHE C 502 -25.92 9.01 -19.32
C PHE C 502 -25.48 9.67 -18.03
N GLN C 503 -24.89 8.89 -17.12
CA GLN C 503 -24.54 9.45 -15.82
C GLN C 503 -23.37 8.71 -15.19
N THR C 504 -22.51 9.46 -14.51
CA THR C 504 -21.58 8.93 -13.51
C THR C 504 -21.99 9.59 -12.20
N ALA C 505 -22.56 8.82 -11.29
CA ALA C 505 -23.20 9.40 -10.13
C ALA C 505 -23.20 8.38 -9.00
N PRO C 506 -23.33 8.81 -7.75
CA PRO C 506 -23.55 7.86 -6.66
C PRO C 506 -24.84 7.10 -6.87
N THR C 507 -24.84 5.86 -6.38
CA THR C 507 -26.01 5.00 -6.56
C THR C 507 -27.24 5.59 -5.86
N ALA C 508 -27.03 6.27 -4.74
CA ALA C 508 -28.15 6.84 -4.00
C ALA C 508 -28.86 7.91 -4.80
N LEU C 509 -28.09 8.84 -5.41
CA LEU C 509 -28.70 9.88 -6.20
C LEU C 509 -29.34 9.33 -7.46
N CYS C 510 -28.76 8.26 -8.02
CA CYS C 510 -29.37 7.59 -9.16
C CYS C 510 -30.73 7.00 -8.79
N MET C 511 -30.81 6.35 -7.63
CA MET C 511 -32.08 5.80 -7.17
C MET C 511 -33.11 6.91 -6.94
N ALA C 512 -32.67 8.02 -6.35
CA ALA C 512 -33.57 9.16 -6.14
C ALA C 512 -34.05 9.73 -7.48
N LEU C 513 -33.15 9.83 -8.45
CA LEU C 513 -33.52 10.34 -9.77
C LEU C 513 -34.52 9.42 -10.45
N GLY C 514 -34.33 8.10 -10.30
CA GLY C 514 -35.34 7.18 -10.79
C GLY C 514 -36.68 7.37 -10.10
N ILE C 515 -36.65 7.58 -8.79
CA ILE C 515 -37.89 7.81 -8.03
C ILE C 515 -38.56 9.10 -8.50
N ALA C 516 -37.78 10.05 -9.00
CA ALA C 516 -38.33 11.28 -9.55
C ALA C 516 -39.10 11.00 -10.83
N VAL C 523 -36.31 9.15 -23.26
CA VAL C 523 -36.20 8.48 -21.98
C VAL C 523 -35.39 7.20 -22.15
N ASP C 524 -34.15 7.33 -22.62
CA ASP C 524 -33.29 6.19 -22.88
C ASP C 524 -32.10 6.27 -21.94
N VAL C 525 -31.65 5.11 -21.46
CA VAL C 525 -30.59 5.01 -20.47
C VAL C 525 -29.49 4.10 -21.00
N TYR C 526 -28.24 4.54 -20.85
CA TYR C 526 -27.08 3.76 -21.24
C TYR C 526 -26.21 3.47 -20.03
N HIS C 527 -25.49 2.35 -20.08
CA HIS C 527 -24.61 1.92 -19.01
C HIS C 527 -23.19 1.72 -19.52
N TYR C 528 -22.23 1.94 -18.63
CA TYR C 528 -20.81 1.78 -18.91
C TYR C 528 -20.30 0.56 -18.15
N GLN C 529 -19.74 -0.41 -18.87
CA GLN C 529 -19.19 -1.62 -18.28
C GLN C 529 -17.68 -1.60 -18.38
N PHE C 530 -17.02 -1.93 -17.27
CA PHE C 530 -15.56 -1.85 -17.22
C PHE C 530 -14.92 -2.96 -18.05
N ASN C 531 -15.40 -4.19 -17.92
CA ASN C 531 -14.85 -5.33 -18.65
C ASN C 531 -15.65 -5.61 -19.92
N ALA C 532 -15.75 -4.59 -20.77
CA ALA C 532 -16.48 -4.69 -22.02
C ALA C 532 -15.67 -4.07 -23.14
N GLU C 533 -15.89 -4.57 -24.35
CA GLU C 533 -15.23 -4.03 -25.53
C GLU C 533 -16.01 -2.85 -26.09
N GLU C 534 -15.33 -2.04 -26.88
CA GLU C 534 -15.96 -0.87 -27.47
C GLU C 534 -17.07 -1.30 -28.43
N PRO C 535 -18.23 -0.64 -28.40
CA PRO C 535 -18.60 0.53 -27.58
C PRO C 535 -18.88 0.17 -26.13
N LYS C 536 -18.46 1.03 -25.20
CA LYS C 536 -18.66 0.77 -23.78
C LYS C 536 -20.06 1.14 -23.32
N TYR C 537 -20.81 1.89 -24.13
CA TYR C 537 -22.18 2.28 -23.81
C TYR C 537 -23.13 1.59 -24.78
N ARG C 538 -24.27 1.14 -24.26
CA ARG C 538 -25.38 0.67 -25.07
C ARG C 538 -26.67 1.09 -24.40
N CYS C 539 -27.74 1.20 -25.20
CA CYS C 539 -29.04 1.48 -24.62
C CYS C 539 -29.53 0.23 -23.89
N VAL C 540 -29.30 0.17 -22.58
CA VAL C 540 -29.64 -1.04 -21.85
C VAL C 540 -31.14 -1.12 -21.58
N PHE C 541 -31.81 0.02 -21.41
CA PHE C 541 -33.27 0.05 -21.38
C PHE C 541 -33.74 1.47 -21.64
N SER C 542 -35.04 1.60 -21.86
CA SER C 542 -35.70 2.89 -21.99
C SER C 542 -36.44 3.21 -20.71
N LEU C 543 -36.27 4.44 -20.22
CA LEU C 543 -36.97 4.88 -19.02
C LEU C 543 -38.47 4.99 -19.21
N ASP C 544 -38.96 4.99 -20.46
CA ASP C 544 -40.38 5.04 -20.75
C ASP C 544 -40.94 3.68 -21.15
N LYS C 545 -40.44 2.61 -20.54
CA LYS C 545 -40.91 1.26 -20.84
C LYS C 545 -41.12 0.46 -19.56
#